data_3ZEP
#
_entry.id   3ZEP
#
_cell.length_a   57.554
_cell.length_b   114.076
_cell.length_c   104.196
_cell.angle_alpha   90.00
_cell.angle_beta   96.82
_cell.angle_gamma   90.00
#
_symmetry.space_group_name_H-M   'P 1 21 1'
#
loop_
_entity.id
_entity.type
_entity.pdbx_description
1 polymer 'TYROSINE-PROTEIN KINASE JAK3'
2 non-polymer 2-[[(3R)-3-acetamido-2,3-dihydro-1H-inden-5-yl]oxy]-N-[(1S)-1-cyclopropylethyl]-5H-pyrrolo[2,3-b]pyrazine-7-carboxamide
3 non-polymer GLYCEROL
4 water water
#
_entity_poly.entity_id   1
_entity_poly.type   'polypeptide(L)'
_entity_poly.pdbx_seq_one_letter_code
;DPTIFEERHLKYISQLGKGNFGSVELCRYDPLGDNTGALVAVKQLQHSGPDQQRDFQREIQILKALHSDFIVKYRGVSYG
PGRQSLRLVMEYLPSGCLRDFLQRHRARLDASRLLLYSSQICKGMEYLGSRRCVHRDLAARNILVESEAHVKIADFGLAK
LLPLDKD(PTR)(PTR)VVREPGQSPIFWYAPESLSDNIFSRQSDVWSFGVVLYELFTYCDKSCSPSAEFLRMMGSERDV
PALSRLLELLEEGQRLPAPPACPAEVHELMKLCWAPSPQDRPSFSALGPQLDMLWS
;
_entity_poly.pdbx_strand_id   A,B,C,D
#
# COMPACT_ATOMS: atom_id res chain seq x y z
N PRO A 2 15.80 26.55 -20.46
CA PRO A 2 14.42 26.07 -20.39
C PRO A 2 14.29 24.57 -20.12
N THR A 3 15.06 23.77 -20.85
CA THR A 3 15.01 22.29 -20.74
C THR A 3 15.62 21.77 -19.43
N ILE A 4 16.60 22.48 -18.88
CA ILE A 4 17.18 22.15 -17.58
C ILE A 4 16.34 22.81 -16.47
N PHE A 5 15.49 22.01 -15.82
CA PHE A 5 14.66 22.45 -14.70
C PHE A 5 15.41 22.22 -13.39
N GLU A 6 15.68 23.29 -12.64
CA GLU A 6 16.37 23.19 -11.35
C GLU A 6 15.42 22.62 -10.29
N GLU A 7 15.92 21.65 -9.51
CA GLU A 7 15.08 20.87 -8.57
C GLU A 7 14.46 21.70 -7.46
N ARG A 8 15.22 22.65 -6.91
CA ARG A 8 14.74 23.53 -5.83
C ARG A 8 13.58 24.46 -6.22
N HIS A 9 13.43 24.73 -7.51
CA HIS A 9 12.33 25.55 -8.03
C HIS A 9 11.07 24.80 -8.34
N LEU A 10 11.14 23.47 -8.45
CA LEU A 10 9.97 22.62 -8.68
C LEU A 10 9.18 22.41 -7.38
N LYS A 11 8.19 23.27 -7.15
CA LYS A 11 7.37 23.21 -5.93
C LYS A 11 6.22 22.20 -6.07
N TYR A 12 6.25 21.15 -5.24
CA TYR A 12 5.24 20.08 -5.24
C TYR A 12 3.85 20.60 -4.84
N ILE A 13 2.82 20.16 -5.58
CA ILE A 13 1.42 20.52 -5.32
C ILE A 13 0.65 19.26 -4.88
N SER A 14 0.58 18.27 -5.76
CA SER A 14 -0.21 17.06 -5.51
C SER A 14 0.17 15.91 -6.45
N GLN A 15 -0.36 14.72 -6.16
CA GLN A 15 -0.16 13.54 -7.00
C GLN A 15 -1.15 13.53 -8.14
N LEU A 16 -0.72 13.02 -9.30
CA LEU A 16 -1.56 12.89 -10.48
C LEU A 16 -1.91 11.43 -10.72
N GLY A 17 -0.90 10.56 -10.77
CA GLY A 17 -1.11 9.12 -10.98
C GLY A 17 0.16 8.38 -11.37
N LYS A 18 0.00 7.13 -11.78
CA LYS A 18 1.10 6.26 -12.17
C LYS A 18 0.86 5.66 -13.55
N GLY A 19 1.88 5.73 -14.41
CA GLY A 19 1.84 5.06 -15.73
C GLY A 19 2.17 3.58 -15.61
N ASN A 20 2.89 3.04 -16.61
CA ASN A 20 3.35 1.65 -16.58
C ASN A 20 4.39 1.41 -15.49
N PHE A 21 5.33 2.35 -15.38
CA PHE A 21 6.27 2.41 -14.26
C PHE A 21 6.41 3.85 -13.77
N GLY A 22 6.97 4.01 -12.56
CA GLY A 22 7.16 5.33 -11.95
C GLY A 22 5.87 5.98 -11.48
N SER A 23 5.95 7.27 -11.18
CA SER A 23 4.79 8.07 -10.75
C SER A 23 4.90 9.52 -11.24
N VAL A 24 3.75 10.17 -11.41
CA VAL A 24 3.67 11.56 -11.90
C VAL A 24 3.08 12.48 -10.84
N GLU A 25 3.68 13.65 -10.68
CA GLU A 25 3.23 14.66 -9.71
C GLU A 25 2.93 15.99 -10.41
N LEU A 26 1.89 16.68 -9.92
CA LEU A 26 1.62 18.05 -10.32
C LEU A 26 2.55 18.94 -9.50
N CYS A 27 3.32 19.78 -10.20
CA CYS A 27 4.22 20.76 -9.56
C CYS A 27 4.06 22.13 -10.21
N ARG A 28 4.48 23.16 -9.49
CA ARG A 28 4.62 24.51 -10.03
C ARG A 28 6.12 24.81 -10.14
N TYR A 29 6.61 24.96 -11.37
CA TYR A 29 7.98 25.40 -11.60
C TYR A 29 8.01 26.92 -11.44
N ASP A 30 8.60 27.39 -10.35
CA ASP A 30 8.57 28.80 -9.97
C ASP A 30 9.96 29.28 -9.50
N PRO A 31 10.84 29.63 -10.46
CA PRO A 31 12.18 30.13 -10.08
C PRO A 31 12.20 31.49 -9.38
N LEU A 32 11.21 32.34 -9.64
CA LEU A 32 11.11 33.65 -8.97
C LEU A 32 10.70 33.54 -7.49
N GLY A 33 10.06 32.43 -7.11
CA GLY A 33 9.77 32.12 -5.71
C GLY A 33 8.61 32.90 -5.11
N ASP A 34 7.55 33.08 -5.90
CA ASP A 34 6.31 33.76 -5.45
C ASP A 34 5.05 33.09 -6.03
N ASN A 35 5.12 31.76 -6.22
CA ASN A 35 4.13 30.96 -6.96
C ASN A 35 3.33 31.69 -8.05
N THR A 36 4.07 32.30 -8.98
CA THR A 36 3.53 32.89 -10.19
C THR A 36 3.94 32.09 -11.45
N GLY A 37 4.53 30.91 -11.23
CA GLY A 37 5.06 30.09 -12.33
C GLY A 37 4.03 29.23 -13.01
N ALA A 38 4.51 28.30 -13.84
CA ALA A 38 3.65 27.42 -14.64
C ALA A 38 3.47 26.07 -13.96
N LEU A 39 2.25 25.53 -14.03
CA LEU A 39 1.97 24.17 -13.57
C LEU A 39 2.50 23.16 -14.58
N VAL A 40 3.18 22.12 -14.09
CA VAL A 40 3.76 21.08 -14.96
C VAL A 40 3.57 19.67 -14.37
N ALA A 41 3.74 18.67 -15.22
CA ALA A 41 3.63 17.25 -14.85
C ALA A 41 5.03 16.66 -14.75
N VAL A 42 5.41 16.18 -13.56
CA VAL A 42 6.77 15.73 -13.28
C VAL A 42 6.79 14.22 -12.99
N LYS A 43 7.38 13.44 -13.89
CA LYS A 43 7.51 11.99 -13.72
C LYS A 43 8.85 11.62 -13.07
N GLN A 44 8.80 10.65 -12.16
CA GLN A 44 10.01 10.12 -11.52
C GLN A 44 9.85 8.63 -11.19
N LEU A 45 10.97 7.94 -10.96
CA LEU A 45 10.97 6.54 -10.53
C LEU A 45 11.45 6.44 -9.09
N GLN A 46 10.56 6.03 -8.19
CA GLN A 46 10.88 5.86 -6.76
C GLN A 46 11.28 4.41 -6.48
N HIS A 47 10.33 3.50 -6.67
CA HIS A 47 10.53 2.06 -6.45
C HIS A 47 10.62 1.36 -7.77
N SER A 48 11.84 1.24 -8.29
CA SER A 48 12.08 0.73 -9.64
C SER A 48 13.41 -0.02 -9.76
N GLY A 49 13.42 -1.10 -10.53
CA GLY A 49 14.62 -1.88 -10.79
C GLY A 49 15.45 -1.32 -11.94
N PRO A 50 16.56 -2.01 -12.30
CA PRO A 50 17.40 -1.60 -13.43
C PRO A 50 16.68 -1.50 -14.77
N ASP A 51 15.77 -2.44 -15.05
CA ASP A 51 15.02 -2.50 -16.32
C ASP A 51 14.15 -1.26 -16.55
N GLN A 52 13.53 -0.77 -15.48
CA GLN A 52 12.63 0.39 -15.53
C GLN A 52 13.43 1.70 -15.67
N GLN A 53 14.62 1.75 -15.08
CA GLN A 53 15.54 2.88 -15.22
C GLN A 53 16.02 3.05 -16.66
N ARG A 54 16.35 1.94 -17.32
CA ARG A 54 16.74 1.96 -18.74
C ARG A 54 15.60 2.40 -19.65
N ASP A 55 14.40 1.85 -19.42
CA ASP A 55 13.18 2.29 -20.14
C ASP A 55 12.89 3.78 -20.00
N PHE A 56 13.17 4.34 -18.82
CA PHE A 56 12.92 5.75 -18.52
C PHE A 56 13.86 6.67 -19.30
N GLN A 57 15.13 6.29 -19.38
CA GLN A 57 16.12 6.98 -20.21
C GLN A 57 15.71 6.97 -21.71
N ARG A 58 15.07 5.88 -22.12
CA ARG A 58 14.58 5.74 -23.49
C ARG A 58 13.30 6.56 -23.74
N GLU A 59 12.39 6.59 -22.76
CA GLU A 59 11.18 7.43 -22.81
C GLU A 59 11.49 8.93 -22.97
N ILE A 60 12.46 9.42 -22.20
CA ILE A 60 12.85 10.84 -22.24
C ILE A 60 13.29 11.24 -23.65
N GLN A 61 14.20 10.46 -24.23
CA GLN A 61 14.72 10.74 -25.57
C GLN A 61 13.67 10.62 -26.68
N ILE A 62 12.80 9.62 -26.59
CA ILE A 62 11.72 9.44 -27.56
C ILE A 62 10.74 10.64 -27.51
N LEU A 63 10.19 10.92 -26.33
CA LEU A 63 9.22 12.01 -26.16
C LEU A 63 9.80 13.40 -26.47
N LYS A 64 11.07 13.61 -26.12
CA LYS A 64 11.80 14.85 -26.47
C LYS A 64 11.77 15.11 -27.98
N ALA A 65 11.91 14.05 -28.78
CA ALA A 65 11.98 14.14 -30.24
C ALA A 65 10.62 14.22 -30.95
N LEU A 66 9.55 13.73 -30.31
CA LEU A 66 8.20 13.77 -30.89
C LEU A 66 7.61 15.18 -30.84
N HIS A 67 6.98 15.60 -31.94
CA HIS A 67 6.31 16.91 -32.05
C HIS A 67 4.99 16.80 -32.77
N SER A 68 3.93 16.71 -31.98
CA SER A 68 2.55 16.62 -32.50
C SER A 68 1.58 17.30 -31.54
N ASP A 69 0.45 17.78 -32.07
CA ASP A 69 -0.64 18.35 -31.26
C ASP A 69 -1.41 17.29 -30.47
N PHE A 70 -1.28 16.01 -30.84
CA PHE A 70 -1.98 14.89 -30.20
C PHE A 70 -1.02 13.91 -29.49
N ILE A 71 0.14 14.40 -29.10
CA ILE A 71 1.13 13.66 -28.29
C ILE A 71 1.59 14.61 -27.18
N VAL A 72 1.48 14.16 -25.92
CA VAL A 72 1.86 14.99 -24.75
C VAL A 72 3.27 15.59 -24.89
N LYS A 73 3.38 16.90 -24.72
CA LYS A 73 4.65 17.60 -24.93
C LYS A 73 5.64 17.36 -23.80
N TYR A 74 6.88 17.08 -24.21
CA TYR A 74 8.05 17.10 -23.33
C TYR A 74 8.42 18.55 -23.11
N ARG A 75 8.66 18.92 -21.84
CA ARG A 75 9.13 20.27 -21.48
C ARG A 75 10.63 20.27 -21.17
N GLY A 76 11.07 19.31 -20.37
CA GLY A 76 12.49 19.21 -20.02
C GLY A 76 12.80 18.13 -18.99
N VAL A 77 13.94 18.29 -18.33
CA VAL A 77 14.44 17.33 -17.34
C VAL A 77 14.97 18.05 -16.10
N SER A 78 14.89 17.37 -14.95
CA SER A 78 15.52 17.82 -13.70
C SER A 78 16.36 16.68 -13.10
N TYR A 79 17.58 17.01 -12.66
CA TYR A 79 18.52 16.02 -12.08
C TYR A 79 18.49 16.08 -10.56
N SER A 85 18.50 11.18 -9.09
CA SER A 85 17.21 11.86 -8.96
C SER A 85 16.70 12.46 -10.28
N LEU A 86 16.81 11.67 -11.36
CA LEU A 86 16.38 12.11 -12.69
C LEU A 86 14.86 12.18 -12.77
N ARG A 87 14.34 13.32 -13.25
CA ARG A 87 12.90 13.55 -13.36
C ARG A 87 12.53 14.13 -14.74
N LEU A 88 11.42 13.65 -15.30
CA LEU A 88 10.93 14.07 -16.62
C LEU A 88 9.82 15.09 -16.42
N VAL A 89 9.97 16.26 -17.03
CA VAL A 89 9.01 17.36 -16.93
C VAL A 89 8.17 17.39 -18.21
N MET A 90 6.86 17.23 -18.07
CA MET A 90 5.91 17.23 -19.18
C MET A 90 4.86 18.31 -18.94
N GLU A 91 4.14 18.70 -19.99
CA GLU A 91 3.03 19.65 -19.85
C GLU A 91 1.89 19.03 -19.05
N TYR A 92 1.17 19.88 -18.31
CA TYR A 92 0.05 19.46 -17.46
C TYR A 92 -1.29 19.71 -18.17
N LEU A 93 -2.06 18.65 -18.39
CA LEU A 93 -3.41 18.74 -18.98
C LEU A 93 -4.47 18.56 -17.87
N PRO A 94 -5.14 19.66 -17.48
CA PRO A 94 -5.89 19.65 -16.20
C PRO A 94 -7.15 18.78 -16.13
N SER A 95 -7.72 18.37 -17.27
CA SER A 95 -8.92 17.51 -17.29
C SER A 95 -8.63 16.01 -17.11
N GLY A 96 -7.35 15.62 -17.02
CA GLY A 96 -6.95 14.26 -16.67
C GLY A 96 -6.94 13.30 -17.85
N CYS A 97 -7.14 12.01 -17.58
CA CYS A 97 -7.14 10.97 -18.62
C CYS A 97 -8.54 10.68 -19.14
N LEU A 98 -8.61 10.21 -20.39
CA LEU A 98 -9.88 10.04 -21.10
C LEU A 98 -10.81 8.98 -20.48
N ARG A 99 -10.23 7.90 -19.94
CA ARG A 99 -11.00 6.83 -19.28
C ARG A 99 -11.99 7.40 -18.25
N ASP A 100 -11.46 8.18 -17.32
CA ASP A 100 -12.27 8.83 -16.28
C ASP A 100 -13.18 9.92 -16.85
N PHE A 101 -12.72 10.61 -17.88
CA PHE A 101 -13.48 11.68 -18.54
C PHE A 101 -14.75 11.18 -19.22
N LEU A 102 -14.67 10.03 -19.91
CA LEU A 102 -15.83 9.43 -20.58
C LEU A 102 -16.86 8.88 -19.58
N GLN A 103 -16.38 8.30 -18.49
CA GLN A 103 -17.25 7.78 -17.42
C GLN A 103 -17.97 8.90 -16.68
N ARG A 104 -17.23 9.98 -16.39
CA ARG A 104 -17.79 11.14 -15.69
C ARG A 104 -18.82 11.89 -16.53
N HIS A 105 -18.49 12.12 -17.81
CA HIS A 105 -19.31 12.94 -18.71
C HIS A 105 -19.99 12.13 -19.79
N ARG A 106 -20.53 10.97 -19.42
CA ARG A 106 -21.18 10.06 -20.38
C ARG A 106 -22.46 10.66 -20.99
N ALA A 107 -23.25 11.34 -20.16
CA ALA A 107 -24.53 11.93 -20.60
C ALA A 107 -24.39 13.10 -21.57
N ARG A 108 -23.26 13.82 -21.51
CA ARG A 108 -23.01 15.00 -22.35
C ARG A 108 -22.33 14.68 -23.70
N LEU A 109 -21.57 13.59 -23.77
CA LEU A 109 -20.72 13.29 -24.94
C LEU A 109 -21.39 12.33 -25.93
N ASP A 110 -21.83 12.86 -27.07
CA ASP A 110 -22.47 12.06 -28.14
C ASP A 110 -21.43 11.36 -29.04
N ALA A 111 -21.93 10.59 -30.02
CA ALA A 111 -21.09 9.83 -30.97
C ALA A 111 -20.11 10.68 -31.78
N SER A 112 -20.55 11.86 -32.22
CA SER A 112 -19.70 12.77 -33.01
C SER A 112 -18.45 13.22 -32.25
N ARG A 113 -18.57 13.35 -30.93
CA ARG A 113 -17.46 13.72 -30.05
C ARG A 113 -16.48 12.56 -29.85
N LEU A 114 -17.01 11.36 -29.62
CA LEU A 114 -16.21 10.12 -29.60
C LEU A 114 -15.43 9.92 -30.92
N LEU A 115 -16.08 10.26 -32.03
CA LEU A 115 -15.45 10.21 -33.37
C LEU A 115 -14.30 11.23 -33.52
N LEU A 116 -14.46 12.42 -32.91
CA LEU A 116 -13.41 13.44 -32.87
C LEU A 116 -12.17 12.96 -32.12
N TYR A 117 -12.37 12.28 -30.99
CA TYR A 117 -11.24 11.73 -30.22
C TYR A 117 -10.54 10.59 -30.97
N SER A 118 -11.33 9.77 -31.67
CA SER A 118 -10.80 8.71 -32.55
C SER A 118 -9.94 9.28 -33.68
N SER A 119 -10.40 10.37 -34.29
CA SER A 119 -9.65 11.06 -35.35
C SER A 119 -8.33 11.65 -34.84
N GLN A 120 -8.36 12.29 -33.67
CA GLN A 120 -7.18 12.95 -33.09
C GLN A 120 -6.12 11.95 -32.63
N ILE A 121 -6.56 10.84 -32.04
CA ILE A 121 -5.68 9.74 -31.65
C ILE A 121 -5.04 9.09 -32.89
N CYS A 122 -5.85 8.84 -33.92
CA CYS A 122 -5.37 8.29 -35.20
C CYS A 122 -4.29 9.17 -35.85
N LYS A 123 -4.50 10.49 -35.88
CA LYS A 123 -3.49 11.43 -36.39
C LYS A 123 -2.21 11.38 -35.58
N GLY A 124 -2.35 11.35 -34.25
CA GLY A 124 -1.21 11.16 -33.35
C GLY A 124 -0.43 9.88 -33.60
N MET A 125 -1.14 8.78 -33.83
CA MET A 125 -0.52 7.48 -34.14
C MET A 125 0.06 7.43 -35.55
N GLU A 126 -0.57 8.11 -36.51
CA GLU A 126 0.00 8.20 -37.87
C GLU A 126 1.37 8.89 -37.83
N TYR A 127 1.43 10.01 -37.13
CA TYR A 127 2.69 10.73 -36.91
C TYR A 127 3.74 9.84 -36.21
N LEU A 128 3.30 9.13 -35.17
CA LEU A 128 4.16 8.21 -34.43
C LEU A 128 4.73 7.10 -35.34
N GLY A 129 3.93 6.69 -36.32
CA GLY A 129 4.38 5.77 -37.37
C GLY A 129 5.43 6.36 -38.31
N SER A 130 5.30 7.65 -38.64
CA SER A 130 6.30 8.32 -39.52
C SER A 130 7.66 8.44 -38.85
N ARG A 131 7.66 8.60 -37.52
CA ARG A 131 8.90 8.57 -36.72
C ARG A 131 9.40 7.15 -36.42
N ARG A 132 8.69 6.13 -36.92
CA ARG A 132 9.07 4.71 -36.80
C ARG A 132 9.17 4.29 -35.32
N CYS A 133 8.21 4.76 -34.53
CA CYS A 133 8.12 4.50 -33.11
C CYS A 133 6.87 3.69 -32.82
N VAL A 134 7.01 2.63 -32.02
CA VAL A 134 5.89 1.81 -31.57
C VAL A 134 5.57 2.18 -30.12
N HIS A 135 4.30 2.45 -29.83
CA HIS A 135 3.87 2.85 -28.48
C HIS A 135 3.87 1.70 -27.49
N ARG A 136 3.35 0.55 -27.92
CA ARG A 136 3.29 -0.71 -27.12
C ARG A 136 2.28 -0.75 -25.96
N ASP A 137 1.51 0.32 -25.75
CA ASP A 137 0.49 0.35 -24.68
C ASP A 137 -0.59 1.41 -24.97
N LEU A 138 -1.16 1.34 -26.17
CA LEU A 138 -2.18 2.31 -26.58
C LEU A 138 -3.52 1.93 -25.96
N ALA A 139 -4.02 2.79 -25.08
CA ALA A 139 -5.25 2.53 -24.33
C ALA A 139 -5.82 3.82 -23.74
N ALA A 140 -7.11 3.78 -23.40
CA ALA A 140 -7.83 4.96 -22.88
C ALA A 140 -7.21 5.57 -21.61
N ARG A 141 -6.64 4.71 -20.75
CA ARG A 141 -5.92 5.15 -19.55
C ARG A 141 -4.65 5.98 -19.85
N ASN A 142 -4.01 5.75 -20.99
CA ASN A 142 -2.80 6.49 -21.41
C ASN A 142 -3.08 7.66 -22.36
N ILE A 143 -4.36 7.97 -22.58
CA ILE A 143 -4.77 9.11 -23.39
C ILE A 143 -5.23 10.22 -22.44
N LEU A 144 -4.66 11.41 -22.60
CA LEU A 144 -4.95 12.58 -21.76
C LEU A 144 -5.92 13.54 -22.44
N VAL A 145 -6.57 14.37 -21.64
CA VAL A 145 -7.61 15.31 -22.10
C VAL A 145 -7.19 16.75 -21.84
N GLU A 146 -6.98 17.51 -22.92
CA GLU A 146 -6.67 18.95 -22.82
C GLU A 146 -7.95 19.74 -22.56
N SER A 147 -8.96 19.48 -23.38
CA SER A 147 -10.30 20.06 -23.19
C SER A 147 -11.34 19.11 -23.78
N GLU A 148 -12.60 19.55 -23.80
CA GLU A 148 -13.69 18.77 -24.40
C GLU A 148 -13.47 18.44 -25.88
N ALA A 149 -12.71 19.28 -26.61
CA ALA A 149 -12.46 19.09 -28.06
C ALA A 149 -11.00 18.76 -28.42
N HIS A 150 -10.23 18.20 -27.48
CA HIS A 150 -8.80 17.96 -27.71
C HIS A 150 -8.22 16.94 -26.76
N VAL A 151 -7.71 15.82 -27.32
CA VAL A 151 -7.00 14.78 -26.54
C VAL A 151 -5.58 14.56 -27.05
N LYS A 152 -4.70 14.08 -26.17
CA LYS A 152 -3.31 13.76 -26.52
C LYS A 152 -2.91 12.37 -26.02
N ILE A 153 -2.01 11.72 -26.76
CA ILE A 153 -1.46 10.42 -26.39
C ILE A 153 -0.32 10.61 -25.39
N ALA A 154 -0.26 9.75 -24.38
CA ALA A 154 0.71 9.86 -23.29
C ALA A 154 1.30 8.51 -22.87
N ASP A 155 2.20 8.54 -21.88
CA ASP A 155 2.90 7.37 -21.34
C ASP A 155 3.69 6.61 -22.42
N PHE A 156 4.91 7.09 -22.68
CA PHE A 156 5.81 6.48 -23.68
C PHE A 156 6.92 5.65 -23.01
N GLY A 157 6.62 5.11 -21.82
CA GLY A 157 7.59 4.33 -21.04
C GLY A 157 7.98 3.01 -21.69
N LEU A 158 7.01 2.32 -22.28
CA LEU A 158 7.24 1.07 -23.00
C LEU A 158 7.50 1.29 -24.50
N ALA A 159 7.60 2.55 -24.93
CA ALA A 159 7.75 2.88 -26.35
C ALA A 159 9.13 2.50 -26.86
N LYS A 160 9.17 1.92 -28.06
CA LYS A 160 10.40 1.50 -28.72
C LYS A 160 10.48 2.10 -30.11
N LEU A 161 11.71 2.36 -30.56
CA LEU A 161 11.97 2.71 -31.95
C LEU A 161 12.27 1.42 -32.70
N LEU A 162 11.75 1.30 -33.92
CA LEU A 162 12.00 0.13 -34.76
C LEU A 162 13.50 0.09 -35.12
N PRO A 163 14.08 -1.11 -35.29
CA PRO A 163 15.48 -1.15 -35.74
C PRO A 163 15.66 -0.56 -37.13
N LEU A 164 16.87 -0.12 -37.47
CA LEU A 164 17.12 0.54 -38.75
C LEU A 164 16.95 -0.39 -39.97
N ASP A 165 17.05 -1.70 -39.76
CA ASP A 165 16.92 -2.70 -40.83
C ASP A 165 15.60 -3.50 -40.85
N LYS A 166 14.74 -3.32 -39.84
CA LYS A 166 13.48 -4.07 -39.71
C LYS A 166 12.30 -3.15 -39.37
N ASP A 167 11.09 -3.63 -39.66
CA ASP A 167 9.83 -2.93 -39.32
C ASP A 167 9.03 -3.68 -38.24
N VAL A 170 11.12 -7.36 -31.58
CA VAL A 170 10.91 -8.49 -30.68
C VAL A 170 11.42 -8.11 -29.29
N VAL A 171 10.50 -8.02 -28.32
CA VAL A 171 10.84 -7.72 -26.92
C VAL A 171 11.13 -9.01 -26.16
N ARG A 172 12.21 -9.02 -25.37
CA ARG A 172 12.59 -10.21 -24.58
C ARG A 172 11.70 -10.40 -23.34
N GLU A 173 11.26 -9.30 -22.73
CA GLU A 173 10.36 -9.36 -21.55
C GLU A 173 8.94 -9.79 -21.95
N PRO A 174 8.19 -10.41 -21.01
CA PRO A 174 6.89 -10.99 -21.38
C PRO A 174 5.72 -9.99 -21.41
N GLY A 175 5.32 -9.46 -20.25
CA GLY A 175 4.07 -8.69 -20.12
C GLY A 175 4.12 -7.58 -19.08
N GLN A 176 4.52 -6.38 -19.52
CA GLN A 176 4.57 -5.18 -18.66
C GLN A 176 3.26 -4.37 -18.67
N SER A 177 2.26 -4.82 -19.42
CA SER A 177 0.93 -4.18 -19.48
C SER A 177 -0.17 -5.25 -19.56
N PRO A 178 -1.46 -4.85 -19.38
CA PRO A 178 -2.57 -5.80 -19.50
C PRO A 178 -2.70 -6.44 -20.88
N ILE A 179 -2.88 -7.76 -20.90
CA ILE A 179 -2.90 -8.56 -22.13
C ILE A 179 -4.06 -8.26 -23.11
N PHE A 180 -5.14 -7.67 -22.60
CA PHE A 180 -6.39 -7.50 -23.37
C PHE A 180 -6.34 -6.42 -24.49
N TRP A 181 -5.20 -5.73 -24.62
CA TRP A 181 -4.93 -4.82 -25.74
C TRP A 181 -3.91 -5.36 -26.72
N TYR A 182 -3.26 -6.48 -26.41
CA TYR A 182 -2.21 -7.05 -27.26
C TYR A 182 -2.78 -7.81 -28.46
N ALA A 183 -2.06 -7.72 -29.58
CA ALA A 183 -2.37 -8.51 -30.78
C ALA A 183 -1.85 -9.95 -30.60
N PRO A 184 -2.34 -10.91 -31.44
CA PRO A 184 -1.91 -12.32 -31.35
C PRO A 184 -0.40 -12.58 -31.44
N GLU A 185 0.26 -11.91 -32.39
CA GLU A 185 1.72 -12.08 -32.59
C GLU A 185 2.58 -11.51 -31.44
N SER A 186 2.04 -10.53 -30.71
CA SER A 186 2.67 -10.04 -29.48
C SER A 186 2.49 -11.03 -28.33
N LEU A 187 1.30 -11.62 -28.22
CA LEU A 187 1.02 -12.64 -27.19
C LEU A 187 1.87 -13.91 -27.39
N SER A 188 1.91 -14.40 -28.63
CA SER A 188 2.58 -15.67 -28.95
C SER A 188 4.10 -15.57 -29.11
N ASP A 189 4.58 -14.47 -29.70
CA ASP A 189 6.00 -14.32 -30.07
C ASP A 189 6.67 -13.00 -29.61
N ASN A 190 5.96 -12.18 -28.84
CA ASN A 190 6.46 -10.86 -28.38
C ASN A 190 6.86 -9.89 -29.52
N ILE A 191 6.19 -10.02 -30.66
CA ILE A 191 6.44 -9.20 -31.84
C ILE A 191 5.59 -7.94 -31.74
N PHE A 192 6.25 -6.77 -31.75
CA PHE A 192 5.57 -5.48 -31.72
C PHE A 192 5.93 -4.65 -32.95
N SER A 193 4.95 -3.94 -33.47
CA SER A 193 5.10 -3.12 -34.67
C SER A 193 4.03 -2.04 -34.72
N ARG A 194 4.00 -1.27 -35.81
CA ARG A 194 2.91 -0.33 -36.08
C ARG A 194 1.58 -1.03 -36.31
N GLN A 195 1.63 -2.27 -36.82
CA GLN A 195 0.43 -3.08 -37.03
C GLN A 195 -0.16 -3.58 -35.71
N SER A 196 0.69 -3.87 -34.72
CA SER A 196 0.22 -4.22 -33.38
C SER A 196 -0.36 -3.01 -32.63
N ASP A 197 0.15 -1.80 -32.92
CA ASP A 197 -0.48 -0.56 -32.42
C ASP A 197 -1.88 -0.34 -33.01
N VAL A 198 -2.06 -0.66 -34.30
CA VAL A 198 -3.36 -0.60 -34.96
C VAL A 198 -4.37 -1.56 -34.29
N TRP A 199 -3.92 -2.77 -33.92
CA TRP A 199 -4.75 -3.69 -33.13
C TRP A 199 -5.25 -3.04 -31.87
N SER A 200 -4.34 -2.37 -31.16
CA SER A 200 -4.68 -1.69 -29.90
C SER A 200 -5.63 -0.49 -30.10
N PHE A 201 -5.50 0.21 -31.24
CA PHE A 201 -6.41 1.30 -31.62
C PHE A 201 -7.86 0.80 -31.76
N GLY A 202 -8.03 -0.40 -32.30
CA GLY A 202 -9.35 -1.05 -32.36
C GLY A 202 -10.00 -1.21 -30.99
N VAL A 203 -9.20 -1.58 -29.99
CA VAL A 203 -9.67 -1.68 -28.59
C VAL A 203 -9.98 -0.31 -28.00
N VAL A 204 -9.16 0.69 -28.33
CA VAL A 204 -9.43 2.09 -27.94
C VAL A 204 -10.75 2.57 -28.54
N LEU A 205 -10.98 2.26 -29.82
CA LEU A 205 -12.29 2.54 -30.45
C LEU A 205 -13.41 1.85 -29.67
N TYR A 206 -13.20 0.59 -29.27
CA TYR A 206 -14.17 -0.12 -28.43
C TYR A 206 -14.38 0.58 -27.09
N GLU A 207 -13.30 1.03 -26.45
CA GLU A 207 -13.37 1.75 -25.17
C GLU A 207 -14.18 3.04 -25.26
N LEU A 208 -13.86 3.87 -26.25
CA LEU A 208 -14.59 5.13 -26.51
C LEU A 208 -16.10 4.89 -26.62
N PHE A 209 -16.48 3.97 -27.50
CA PHE A 209 -17.89 3.71 -27.79
C PHE A 209 -18.62 2.85 -26.73
N THR A 210 -17.90 2.40 -25.70
CA THR A 210 -18.50 1.93 -24.44
C THR A 210 -18.35 2.97 -23.30
N TYR A 211 -17.77 4.13 -23.61
CA TYR A 211 -17.46 5.19 -22.62
C TYR A 211 -16.56 4.72 -21.46
N CYS A 212 -15.69 3.74 -21.75
CA CYS A 212 -14.89 3.03 -20.74
C CYS A 212 -15.72 2.48 -19.57
N ASP A 213 -16.92 1.97 -19.88
CA ASP A 213 -17.78 1.34 -18.87
C ASP A 213 -17.10 0.07 -18.36
N LYS A 214 -17.06 -0.09 -17.04
CA LYS A 214 -16.24 -1.12 -16.39
C LYS A 214 -16.77 -2.55 -16.58
N SER A 215 -18.08 -2.71 -16.60
CA SER A 215 -18.72 -4.02 -16.76
C SER A 215 -18.52 -4.63 -18.14
N CYS A 216 -18.47 -3.79 -19.18
CA CYS A 216 -18.19 -4.25 -20.55
C CYS A 216 -16.81 -3.79 -21.06
N SER A 217 -15.83 -3.81 -20.17
CA SER A 217 -14.43 -3.50 -20.53
C SER A 217 -13.81 -4.68 -21.30
N PRO A 218 -12.67 -4.43 -21.99
CA PRO A 218 -11.94 -5.53 -22.64
C PRO A 218 -11.60 -6.69 -21.70
N SER A 219 -11.10 -6.37 -20.51
CA SER A 219 -10.81 -7.40 -19.49
C SER A 219 -12.09 -8.14 -19.07
N ALA A 220 -13.14 -7.39 -18.76
CA ALA A 220 -14.41 -7.98 -18.31
C ALA A 220 -15.03 -8.91 -19.35
N GLU A 221 -15.03 -8.49 -20.62
CA GLU A 221 -15.59 -9.28 -21.72
C GLU A 221 -14.78 -10.53 -22.02
N PHE A 222 -13.47 -10.36 -22.22
CA PHE A 222 -12.58 -11.48 -22.51
C PHE A 222 -12.50 -12.51 -21.38
N LEU A 223 -12.49 -12.04 -20.13
CA LEU A 223 -12.43 -12.94 -18.96
C LEU A 223 -13.61 -13.92 -18.91
N ARG A 224 -14.82 -13.44 -19.21
CA ARG A 224 -16.01 -14.30 -19.31
C ARG A 224 -15.90 -15.35 -20.41
N MET A 225 -15.28 -14.97 -21.54
CA MET A 225 -15.03 -15.91 -22.64
C MET A 225 -13.94 -16.93 -22.29
N MET A 226 -12.92 -16.51 -21.54
CA MET A 226 -11.82 -17.39 -21.12
C MET A 226 -12.28 -18.52 -20.18
N GLY A 227 -13.31 -18.25 -19.37
CA GLY A 227 -13.93 -19.27 -18.54
C GLY A 227 -13.13 -19.61 -17.31
N SER A 228 -13.51 -20.72 -16.66
CA SER A 228 -12.88 -21.18 -15.43
C SER A 228 -11.55 -21.84 -15.74
N PRO A 233 -3.52 -21.10 -18.15
CA PRO A 233 -2.86 -19.80 -18.16
C PRO A 233 -3.69 -18.76 -18.91
N ALA A 234 -3.85 -17.57 -18.30
CA ALA A 234 -4.70 -16.51 -18.83
C ALA A 234 -4.21 -15.96 -20.17
N LEU A 235 -2.88 -15.84 -20.31
CA LEU A 235 -2.23 -15.43 -21.57
C LEU A 235 -2.50 -16.41 -22.72
N SER A 236 -2.37 -17.70 -22.44
CA SER A 236 -2.55 -18.75 -23.45
C SER A 236 -4.00 -18.92 -23.89
N ARG A 237 -4.94 -18.75 -22.95
CA ARG A 237 -6.38 -18.84 -23.25
C ARG A 237 -6.83 -17.69 -24.15
N LEU A 238 -6.37 -16.48 -23.86
CA LEU A 238 -6.67 -15.31 -24.69
C LEU A 238 -6.20 -15.52 -26.12
N LEU A 239 -4.96 -16.00 -26.26
CA LEU A 239 -4.37 -16.34 -27.56
C LEU A 239 -5.25 -17.32 -28.35
N GLU A 240 -5.69 -18.39 -27.69
CA GLU A 240 -6.57 -19.40 -28.30
C GLU A 240 -7.87 -18.79 -28.83
N LEU A 241 -8.53 -17.97 -28.00
CA LEU A 241 -9.77 -17.28 -28.38
C LEU A 241 -9.59 -16.42 -29.63
N LEU A 242 -8.52 -15.62 -29.65
CA LEU A 242 -8.24 -14.71 -30.77
C LEU A 242 -7.94 -15.47 -32.07
N GLU A 243 -7.13 -16.54 -31.97
CA GLU A 243 -6.82 -17.40 -33.11
C GLU A 243 -8.05 -18.16 -33.64
N GLU A 244 -9.00 -18.49 -32.76
CA GLU A 244 -10.27 -19.13 -33.15
C GLU A 244 -11.29 -18.17 -33.78
N GLY A 245 -11.04 -16.86 -33.68
CA GLY A 245 -11.89 -15.83 -34.32
C GLY A 245 -12.77 -15.02 -33.37
N GLN A 246 -12.59 -15.20 -32.07
CA GLN A 246 -13.35 -14.48 -31.05
C GLN A 246 -12.86 -13.04 -30.92
N ARG A 247 -13.80 -12.11 -30.81
CA ARG A 247 -13.50 -10.68 -30.67
C ARG A 247 -14.42 -10.06 -29.63
N LEU A 248 -14.14 -8.80 -29.30
CA LEU A 248 -15.05 -8.00 -28.48
C LEU A 248 -16.30 -7.72 -29.32
N PRO A 249 -17.49 -7.67 -28.66
CA PRO A 249 -18.73 -7.45 -29.40
C PRO A 249 -18.89 -5.99 -29.83
N ALA A 250 -19.89 -5.74 -30.67
CA ALA A 250 -20.29 -4.38 -31.02
C ALA A 250 -20.85 -3.70 -29.76
N PRO A 251 -20.29 -2.53 -29.38
CA PRO A 251 -20.86 -1.80 -28.22
C PRO A 251 -22.33 -1.37 -28.45
N PRO A 252 -23.14 -1.30 -27.37
CA PRO A 252 -24.51 -0.80 -27.50
C PRO A 252 -24.59 0.59 -28.17
N ALA A 253 -25.45 0.71 -29.18
CA ALA A 253 -25.65 1.96 -29.94
C ALA A 253 -24.42 2.44 -30.72
N CYS A 254 -23.49 1.53 -31.05
CA CYS A 254 -22.29 1.88 -31.81
C CYS A 254 -22.64 2.01 -33.29
N PRO A 255 -22.10 3.04 -33.99
CA PRO A 255 -22.32 3.12 -35.44
C PRO A 255 -21.69 1.93 -36.18
N ALA A 256 -22.45 1.33 -37.09
CA ALA A 256 -22.02 0.14 -37.85
C ALA A 256 -20.69 0.31 -38.56
N GLU A 257 -20.47 1.50 -39.13
CA GLU A 257 -19.23 1.82 -39.85
C GLU A 257 -18.01 1.79 -38.93
N VAL A 258 -18.19 2.26 -37.69
CA VAL A 258 -17.11 2.26 -36.68
C VAL A 258 -16.79 0.82 -36.23
N HIS A 259 -17.82 0.00 -36.05
CA HIS A 259 -17.63 -1.41 -35.68
C HIS A 259 -16.91 -2.23 -36.74
N GLU A 260 -17.13 -1.90 -38.01
CA GLU A 260 -16.43 -2.58 -39.11
C GLU A 260 -14.95 -2.22 -39.14
N LEU A 261 -14.61 -0.97 -38.80
CA LEU A 261 -13.22 -0.54 -38.68
C LEU A 261 -12.47 -1.23 -37.53
N MET A 262 -13.15 -1.44 -36.41
CA MET A 262 -12.61 -2.24 -35.28
C MET A 262 -12.19 -3.63 -35.75
N LYS A 263 -13.11 -4.30 -36.47
CA LYS A 263 -12.87 -5.66 -36.99
C LYS A 263 -11.71 -5.73 -37.99
N LEU A 264 -11.56 -4.68 -38.80
CA LEU A 264 -10.41 -4.55 -39.71
C LEU A 264 -9.09 -4.35 -38.93
N CYS A 265 -9.14 -3.57 -37.85
CA CYS A 265 -8.00 -3.41 -36.94
C CYS A 265 -7.64 -4.72 -36.22
N TRP A 266 -8.64 -5.58 -35.99
CA TRP A 266 -8.43 -6.90 -35.38
C TRP A 266 -8.29 -8.04 -36.38
N ALA A 267 -7.71 -7.77 -37.54
CA ALA A 267 -7.47 -8.81 -38.56
C ALA A 267 -6.38 -9.77 -38.04
N PRO A 268 -6.54 -11.09 -38.25
CA PRO A 268 -5.54 -12.06 -37.76
C PRO A 268 -4.10 -11.75 -38.19
N SER A 269 -3.90 -11.53 -39.48
CA SER A 269 -2.58 -11.21 -40.02
C SER A 269 -2.31 -9.71 -39.87
N PRO A 270 -1.07 -9.33 -39.44
CA PRO A 270 -0.69 -7.91 -39.36
C PRO A 270 -0.85 -7.10 -40.65
N GLN A 271 -0.39 -7.65 -41.77
CA GLN A 271 -0.44 -6.95 -43.07
C GLN A 271 -1.87 -6.70 -43.59
N ASP A 272 -2.85 -7.48 -43.16
CA ASP A 272 -4.26 -7.27 -43.53
C ASP A 272 -4.94 -6.15 -42.73
N ARG A 273 -4.33 -5.70 -41.64
CA ARG A 273 -4.83 -4.54 -40.89
C ARG A 273 -4.55 -3.25 -41.66
N PRO A 274 -5.47 -2.27 -41.58
CA PRO A 274 -5.24 -1.00 -42.29
C PRO A 274 -4.20 -0.16 -41.59
N SER A 275 -3.51 0.70 -42.34
CA SER A 275 -2.58 1.67 -41.75
C SER A 275 -3.37 2.82 -41.13
N PHE A 276 -2.74 3.55 -40.22
CA PHE A 276 -3.37 4.74 -39.63
C PHE A 276 -3.67 5.83 -40.68
N SER A 277 -2.87 5.87 -41.74
CA SER A 277 -3.12 6.75 -42.89
C SER A 277 -4.40 6.41 -43.66
N ALA A 278 -4.75 5.12 -43.72
CA ALA A 278 -5.99 4.66 -44.34
C ALA A 278 -7.19 4.75 -43.39
N LEU A 279 -6.96 4.54 -42.09
CA LEU A 279 -8.00 4.69 -41.07
C LEU A 279 -8.49 6.14 -40.89
N GLY A 280 -7.58 7.10 -41.02
CA GLY A 280 -7.87 8.53 -40.82
C GLY A 280 -9.03 9.08 -41.63
N PRO A 281 -8.96 8.98 -42.98
CA PRO A 281 -10.06 9.40 -43.85
C PRO A 281 -11.38 8.68 -43.61
N GLN A 282 -11.32 7.38 -43.34
CA GLN A 282 -12.51 6.58 -43.06
C GLN A 282 -13.25 7.03 -41.79
N LEU A 283 -12.50 7.48 -40.78
CA LEU A 283 -13.08 8.06 -39.56
C LEU A 283 -13.69 9.43 -39.82
N ASP A 284 -12.92 10.29 -40.49
CA ASP A 284 -13.31 11.69 -40.73
C ASP A 284 -14.50 11.88 -41.68
N MET A 285 -14.77 10.89 -42.53
CA MET A 285 -15.88 10.96 -43.50
C MET A 285 -17.22 10.38 -42.99
N LEU A 286 -17.28 9.97 -41.72
CA LEU A 286 -18.53 9.52 -41.10
C LEU A 286 -19.28 10.68 -40.44
N PRO B 2 -28.42 -14.58 51.15
CA PRO B 2 -28.54 -13.44 50.23
C PRO B 2 -27.29 -12.53 50.22
N THR B 3 -26.91 -12.02 51.39
CA THR B 3 -25.74 -11.15 51.54
C THR B 3 -24.39 -11.89 51.51
N ILE B 4 -24.40 -13.22 51.66
CA ILE B 4 -23.17 -14.02 51.64
C ILE B 4 -23.01 -14.76 50.29
N PHE B 5 -22.03 -14.32 49.49
CA PHE B 5 -21.74 -14.91 48.18
C PHE B 5 -20.66 -15.99 48.29
N GLU B 6 -20.93 -17.15 47.68
CA GLU B 6 -20.01 -18.29 47.71
C GLU B 6 -18.92 -18.10 46.65
N GLU B 7 -17.68 -18.40 47.01
CA GLU B 7 -16.50 -18.09 46.19
C GLU B 7 -16.44 -18.90 44.88
N ARG B 8 -16.70 -20.20 44.98
CA ARG B 8 -16.63 -21.12 43.83
C ARG B 8 -17.68 -20.89 42.72
N HIS B 9 -18.74 -20.14 43.03
CA HIS B 9 -19.78 -19.77 42.05
C HIS B 9 -19.55 -18.44 41.37
N LEU B 10 -18.68 -17.59 41.91
CA LEU B 10 -18.29 -16.33 41.25
C LEU B 10 -17.35 -16.63 40.08
N LYS B 11 -17.87 -16.58 38.85
CA LYS B 11 -17.10 -16.90 37.65
C LYS B 11 -16.44 -15.63 37.11
N TYR B 12 -15.11 -15.61 37.07
CA TYR B 12 -14.33 -14.44 36.63
C TYR B 12 -14.49 -14.22 35.11
N ILE B 13 -14.89 -13.00 34.73
CA ILE B 13 -14.99 -12.61 33.31
C ILE B 13 -13.75 -11.81 32.91
N SER B 14 -13.60 -10.61 33.49
CA SER B 14 -12.53 -9.68 33.13
C SER B 14 -12.38 -8.56 34.18
N GLN B 15 -11.33 -7.76 34.03
CA GLN B 15 -11.04 -6.65 34.95
C GLN B 15 -11.88 -5.42 34.57
N LEU B 16 -12.40 -4.72 35.57
CA LEU B 16 -13.16 -3.46 35.36
C LEU B 16 -12.28 -2.25 35.64
N GLY B 17 -11.66 -2.22 36.82
CA GLY B 17 -10.83 -1.08 37.24
C GLY B 17 -9.80 -1.44 38.31
N LYS B 18 -8.85 -0.54 38.51
CA LYS B 18 -7.75 -0.74 39.45
C LYS B 18 -7.14 0.60 39.87
N GLY B 22 -7.68 -1.03 45.65
CA GLY B 22 -7.27 -2.32 45.10
C GLY B 22 -7.64 -2.50 43.64
N SER B 23 -8.62 -3.37 43.37
CA SER B 23 -9.12 -3.60 42.01
C SER B 23 -10.55 -4.12 42.00
N VAL B 24 -11.28 -3.82 40.93
CA VAL B 24 -12.66 -4.29 40.73
C VAL B 24 -12.70 -5.20 39.49
N GLU B 25 -13.34 -6.36 39.64
CA GLU B 25 -13.43 -7.36 38.57
C GLU B 25 -14.88 -7.59 38.16
N LEU B 26 -15.09 -7.85 36.87
CA LEU B 26 -16.39 -8.29 36.37
C LEU B 26 -16.49 -9.80 36.57
N CYS B 27 -17.49 -10.23 37.35
CA CYS B 27 -17.77 -11.64 37.56
C CYS B 27 -19.24 -11.93 37.25
N ARG B 28 -19.56 -13.21 37.12
CA ARG B 28 -20.94 -13.69 37.05
C ARG B 28 -21.15 -14.66 38.21
N TYR B 29 -22.08 -14.35 39.11
CA TYR B 29 -22.43 -15.27 40.20
C TYR B 29 -23.38 -16.31 39.63
N ASP B 30 -22.85 -17.50 39.36
CA ASP B 30 -23.56 -18.53 38.58
C ASP B 30 -23.67 -19.86 39.36
N PRO B 31 -24.49 -19.89 40.44
CA PRO B 31 -24.64 -21.12 41.23
C PRO B 31 -25.23 -22.32 40.48
N LEU B 32 -26.05 -22.07 39.47
CA LEU B 32 -26.61 -23.13 38.61
C LEU B 32 -25.56 -23.71 37.63
N GLY B 33 -24.60 -22.89 37.20
CA GLY B 33 -23.55 -23.32 36.29
C GLY B 33 -23.98 -23.42 34.83
N ASP B 34 -24.92 -22.57 34.42
CA ASP B 34 -25.46 -22.57 33.05
C ASP B 34 -25.50 -21.16 32.41
N ASN B 35 -24.67 -20.25 32.91
CA ASN B 35 -24.61 -18.84 32.46
C ASN B 35 -25.91 -18.00 32.58
N THR B 36 -26.85 -18.45 33.42
CA THR B 36 -28.11 -17.73 33.65
C THR B 36 -28.03 -16.74 34.81
N GLY B 37 -26.94 -16.79 35.58
CA GLY B 37 -26.75 -15.92 36.73
C GLY B 37 -26.50 -14.46 36.38
N ALA B 38 -26.62 -13.60 37.40
CA ALA B 38 -26.44 -12.16 37.23
C ALA B 38 -24.96 -11.78 37.21
N LEU B 39 -24.62 -10.81 36.36
CA LEU B 39 -23.29 -10.19 36.35
C LEU B 39 -23.14 -9.31 37.59
N VAL B 40 -21.97 -9.38 38.23
CA VAL B 40 -21.68 -8.56 39.43
C VAL B 40 -20.27 -7.97 39.38
N ALA B 41 -20.12 -6.76 39.93
CA ALA B 41 -18.83 -6.10 40.09
C ALA B 41 -18.29 -6.44 41.48
N VAL B 42 -17.07 -7.00 41.53
CA VAL B 42 -16.49 -7.51 42.77
C VAL B 42 -15.16 -6.81 43.09
N LYS B 43 -15.16 -6.01 44.16
CA LYS B 43 -13.95 -5.29 44.60
C LYS B 43 -13.16 -6.11 45.63
N GLN B 44 -11.83 -6.07 45.50
CA GLN B 44 -10.92 -6.71 46.46
C GLN B 44 -9.60 -5.96 46.53
N LEU B 45 -8.92 -6.05 47.69
CA LEU B 45 -7.59 -5.45 47.88
C LEU B 45 -6.51 -6.44 47.47
N GLN B 46 -5.49 -5.94 46.75
CA GLN B 46 -4.34 -6.74 46.32
C GLN B 46 -3.03 -6.03 46.69
N HIS B 47 -2.96 -5.58 47.93
CA HIS B 47 -1.77 -4.93 48.50
C HIS B 47 -1.86 -5.03 50.00
N SER B 48 -0.70 -5.12 50.67
CA SER B 48 -0.63 -5.43 52.11
C SER B 48 -1.60 -4.61 52.97
N GLY B 49 -1.33 -3.30 53.10
CA GLY B 49 -2.24 -2.32 53.69
C GLY B 49 -3.13 -2.71 54.86
N PRO B 50 -2.57 -2.69 56.09
CA PRO B 50 -3.40 -2.76 57.31
C PRO B 50 -4.37 -1.57 57.43
N ASP B 51 -3.88 -0.38 57.10
CA ASP B 51 -4.71 0.84 57.01
C ASP B 51 -5.79 0.73 55.95
N GLN B 52 -5.43 0.16 54.80
CA GLN B 52 -6.34 0.01 53.67
C GLN B 52 -7.43 -1.06 53.92
N GLN B 53 -7.04 -2.15 54.58
CA GLN B 53 -8.01 -3.20 55.00
C GLN B 53 -9.11 -2.62 55.90
N ARG B 54 -8.75 -1.74 56.82
CA ARG B 54 -9.72 -1.07 57.72
C ARG B 54 -10.62 -0.09 56.96
N ASP B 55 -10.03 0.75 56.11
CA ASP B 55 -10.79 1.63 55.21
C ASP B 55 -11.75 0.86 54.31
N PHE B 56 -11.35 -0.35 53.89
CA PHE B 56 -12.20 -1.25 53.11
C PHE B 56 -13.38 -1.80 53.92
N GLN B 57 -13.14 -2.10 55.21
CA GLN B 57 -14.23 -2.53 56.11
C GLN B 57 -15.29 -1.45 56.32
N ARG B 58 -14.86 -0.19 56.41
CA ARG B 58 -15.76 0.96 56.52
C ARG B 58 -16.59 1.16 55.25
N GLU B 59 -15.94 1.06 54.09
CA GLU B 59 -16.61 1.19 52.79
C GLU B 59 -17.72 0.18 52.59
N ILE B 60 -17.48 -1.08 52.99
CA ILE B 60 -18.48 -2.13 52.89
C ILE B 60 -19.72 -1.74 53.69
N GLN B 61 -19.53 -1.33 54.94
CA GLN B 61 -20.64 -0.98 55.84
C GLN B 61 -21.33 0.34 55.46
N ILE B 62 -20.56 1.34 54.99
CA ILE B 62 -21.14 2.59 54.48
C ILE B 62 -22.06 2.27 53.30
N LEU B 63 -21.54 1.55 52.31
CA LEU B 63 -22.32 1.18 51.12
C LEU B 63 -23.51 0.25 51.43
N LYS B 64 -23.32 -0.69 52.36
CA LYS B 64 -24.41 -1.59 52.80
C LYS B 64 -25.61 -0.80 53.33
N ALA B 65 -25.35 0.23 54.13
CA ALA B 65 -26.40 1.03 54.79
C ALA B 65 -27.05 2.12 53.92
N LEU B 66 -26.52 2.36 52.71
CA LEU B 66 -27.08 3.36 51.79
C LEU B 66 -28.15 2.74 50.88
N HIS B 67 -29.29 3.42 50.76
CA HIS B 67 -30.42 2.95 49.92
C HIS B 67 -30.98 4.09 49.10
N SER B 68 -30.58 4.16 47.84
CA SER B 68 -31.04 5.19 46.92
C SER B 68 -30.99 4.70 45.47
N ASP B 69 -31.95 5.13 44.67
CA ASP B 69 -31.98 4.80 43.23
C ASP B 69 -30.80 5.39 42.45
N PHE B 70 -30.17 6.44 43.00
CA PHE B 70 -29.02 7.11 42.37
C PHE B 70 -27.70 6.83 43.11
N ILE B 71 -27.62 5.68 43.79
CA ILE B 71 -26.39 5.18 44.41
C ILE B 71 -26.25 3.68 44.11
N VAL B 72 -25.07 3.27 43.68
CA VAL B 72 -24.81 1.87 43.27
C VAL B 72 -25.09 0.90 44.43
N LYS B 73 -25.81 -0.19 44.13
CA LYS B 73 -26.29 -1.12 45.17
C LYS B 73 -25.20 -2.04 45.71
N TYR B 74 -25.08 -2.08 47.03
CA TYR B 74 -24.44 -3.18 47.73
C TYR B 74 -25.25 -4.46 47.47
N ARG B 75 -24.55 -5.55 47.17
CA ARG B 75 -25.19 -6.87 46.98
C ARG B 75 -24.80 -7.86 48.07
N GLY B 76 -23.51 -7.94 48.38
CA GLY B 76 -23.03 -8.83 49.45
C GLY B 76 -21.53 -8.82 49.63
N VAL B 77 -21.02 -9.87 50.29
CA VAL B 77 -19.59 -10.10 50.46
C VAL B 77 -19.20 -11.54 50.15
N SER B 78 -17.93 -11.75 49.81
CA SER B 78 -17.35 -13.08 49.65
C SER B 78 -16.10 -13.19 50.54
N TYR B 79 -16.04 -14.26 51.34
CA TYR B 79 -14.93 -14.49 52.29
C TYR B 79 -13.89 -15.43 51.69
N SER B 85 -9.09 -12.43 52.78
CA SER B 85 -9.45 -12.30 51.36
C SER B 85 -10.91 -11.85 51.19
N LEU B 86 -11.25 -10.73 51.83
CA LEU B 86 -12.61 -10.16 51.77
C LEU B 86 -12.85 -9.52 50.40
N ARG B 87 -14.05 -9.72 49.86
CA ARG B 87 -14.43 -9.21 48.54
C ARG B 87 -15.83 -8.58 48.59
N LEU B 88 -15.93 -7.33 48.14
CA LEU B 88 -17.20 -6.56 48.13
C LEU B 88 -17.94 -6.80 46.83
N VAL B 89 -19.17 -7.31 46.91
CA VAL B 89 -19.98 -7.62 45.74
C VAL B 89 -20.99 -6.50 45.53
N MET B 90 -20.92 -5.87 44.35
CA MET B 90 -21.83 -4.78 43.96
C MET B 90 -22.52 -5.16 42.66
N GLU B 91 -23.62 -4.47 42.36
CA GLU B 91 -24.33 -4.67 41.10
C GLU B 91 -23.46 -4.19 39.93
N TYR B 92 -23.60 -4.86 38.80
CA TYR B 92 -22.90 -4.48 37.57
C TYR B 92 -23.86 -3.78 36.64
N LEU B 93 -23.45 -2.61 36.15
CA LEU B 93 -24.23 -1.77 35.22
C LEU B 93 -23.50 -1.77 33.87
N PRO B 94 -23.98 -2.56 32.89
CA PRO B 94 -23.18 -2.82 31.67
C PRO B 94 -22.87 -1.63 30.74
N SER B 95 -23.53 -0.48 30.94
CA SER B 95 -23.20 0.73 30.17
C SER B 95 -21.88 1.38 30.60
N GLY B 96 -21.36 1.02 31.78
CA GLY B 96 -20.07 1.52 32.25
C GLY B 96 -20.17 2.91 32.84
N CYS B 97 -19.03 3.58 33.02
CA CYS B 97 -19.01 4.88 33.70
C CYS B 97 -19.45 6.03 32.79
N LEU B 98 -19.86 7.13 33.42
CA LEU B 98 -20.46 8.27 32.73
C LEU B 98 -19.47 9.02 31.82
N ARG B 99 -18.18 9.00 32.20
CA ARG B 99 -17.12 9.66 31.41
C ARG B 99 -16.98 9.01 30.03
N ASP B 100 -16.84 7.69 30.00
CA ASP B 100 -16.78 6.92 28.75
C ASP B 100 -18.09 6.97 27.95
N PHE B 101 -19.21 7.12 28.67
CA PHE B 101 -20.55 7.18 28.04
C PHE B 101 -20.76 8.48 27.27
N LEU B 102 -20.37 9.61 27.85
CA LEU B 102 -20.49 10.93 27.21
C LEU B 102 -19.63 11.04 25.95
N GLN B 103 -18.39 10.54 26.05
CA GLN B 103 -17.45 10.54 24.92
C GLN B 103 -17.91 9.67 23.74
N ARG B 104 -18.50 8.50 24.06
N ARG B 104 -18.50 8.50 24.06
CA ARG B 104 -18.96 7.56 23.04
CA ARG B 104 -18.96 7.56 23.04
C ARG B 104 -20.26 8.02 22.37
C ARG B 104 -20.26 8.03 22.38
N HIS B 105 -21.26 8.33 23.20
CA HIS B 105 -22.62 8.71 22.71
C HIS B 105 -22.86 10.20 22.68
N ARG B 106 -21.85 10.98 22.28
CA ARG B 106 -21.91 12.45 22.29
C ARG B 106 -22.98 13.01 21.35
N ALA B 107 -23.06 12.43 20.15
CA ALA B 107 -24.02 12.88 19.12
C ALA B 107 -25.49 12.70 19.52
N ARG B 108 -25.78 11.65 20.28
CA ARG B 108 -27.16 11.34 20.71
C ARG B 108 -27.68 12.29 21.80
N LEU B 109 -26.82 12.68 22.72
CA LEU B 109 -27.23 13.29 23.99
C LEU B 109 -27.28 14.83 23.93
N ASP B 110 -28.47 15.38 24.08
CA ASP B 110 -28.68 16.84 24.11
C ASP B 110 -28.67 17.39 25.55
N ALA B 111 -28.71 18.72 25.67
CA ALA B 111 -28.63 19.43 26.97
C ALA B 111 -29.68 18.98 28.00
N SER B 112 -30.87 18.61 27.53
CA SER B 112 -31.94 18.13 28.42
C SER B 112 -31.57 16.81 29.10
N ARG B 113 -30.93 15.91 28.36
CA ARG B 113 -30.47 14.63 28.90
C ARG B 113 -29.27 14.80 29.84
N LEU B 114 -28.36 15.73 29.53
CA LEU B 114 -27.27 16.07 30.45
C LEU B 114 -27.80 16.68 31.75
N LEU B 115 -28.82 17.54 31.62
CA LEU B 115 -29.51 18.13 32.78
C LEU B 115 -30.23 17.09 33.63
N LEU B 116 -30.73 16.01 33.00
CA LEU B 116 -31.34 14.88 33.72
C LEU B 116 -30.32 14.15 34.59
N TYR B 117 -29.14 13.86 34.04
CA TYR B 117 -28.06 13.23 34.80
C TYR B 117 -27.60 14.11 35.97
N SER B 118 -27.48 15.41 35.72
CA SER B 118 -27.16 16.40 36.77
C SER B 118 -28.16 16.38 37.92
N SER B 119 -29.44 16.30 37.57
CA SER B 119 -30.54 16.19 38.55
C SER B 119 -30.46 14.91 39.39
N GLN B 120 -30.17 13.78 38.74
CA GLN B 120 -30.05 12.48 39.43
C GLN B 120 -28.85 12.36 40.37
N ILE B 121 -27.73 12.95 39.95
CA ILE B 121 -26.51 13.00 40.78
C ILE B 121 -26.72 13.91 41.99
N CYS B 122 -27.38 15.05 41.76
CA CYS B 122 -27.75 15.98 42.84
C CYS B 122 -28.66 15.33 43.89
N LYS B 123 -29.59 14.49 43.43
CA LYS B 123 -30.50 13.74 44.33
C LYS B 123 -29.79 12.66 45.15
N GLY B 124 -28.84 11.97 44.54
CA GLY B 124 -27.99 11.01 45.25
C GLY B 124 -27.10 11.65 46.28
N MET B 125 -26.50 12.78 45.90
CA MET B 125 -25.67 13.58 46.82
C MET B 125 -26.47 14.22 47.94
N GLU B 126 -27.72 14.62 47.68
CA GLU B 126 -28.61 15.11 48.74
C GLU B 126 -28.94 14.01 49.75
N TYR B 127 -29.17 12.79 49.25
CA TYR B 127 -29.37 11.61 50.10
C TYR B 127 -28.12 11.28 50.94
N LEU B 128 -26.93 11.36 50.33
CA LEU B 128 -25.68 11.13 51.08
C LEU B 128 -25.48 12.14 52.20
N GLY B 129 -25.85 13.40 51.94
CA GLY B 129 -25.88 14.45 52.96
C GLY B 129 -26.83 14.19 54.12
N SER B 130 -27.96 13.55 53.83
CA SER B 130 -28.91 13.13 54.87
C SER B 130 -28.35 12.00 55.76
N ARG B 131 -27.41 11.21 55.22
CA ARG B 131 -26.68 10.19 56.00
C ARG B 131 -25.39 10.70 56.64
N ARG B 132 -25.11 12.01 56.53
CA ARG B 132 -23.88 12.62 57.03
C ARG B 132 -22.61 11.97 56.45
N CYS B 133 -22.67 11.67 55.15
CA CYS B 133 -21.58 10.98 54.44
C CYS B 133 -20.97 11.92 53.40
N VAL B 134 -19.66 12.17 53.51
CA VAL B 134 -18.92 12.92 52.49
C VAL B 134 -18.24 11.93 51.54
N HIS B 135 -18.49 12.08 50.24
CA HIS B 135 -17.96 11.17 49.21
C HIS B 135 -16.47 11.35 49.01
N ARG B 136 -16.03 12.62 48.92
CA ARG B 136 -14.61 13.03 48.78
C ARG B 136 -13.95 12.80 47.41
N ASP B 137 -14.64 12.14 46.48
CA ASP B 137 -14.07 11.77 45.18
C ASP B 137 -15.15 11.81 44.07
N LEU B 138 -16.05 12.79 44.17
CA LEU B 138 -17.17 12.91 43.24
C LEU B 138 -16.66 13.44 41.90
N ALA B 139 -16.71 12.58 40.88
CA ALA B 139 -16.27 12.91 39.52
C ALA B 139 -16.95 11.98 38.53
N ALA B 140 -17.02 12.40 37.27
CA ALA B 140 -17.74 11.67 36.22
C ALA B 140 -17.21 10.26 35.97
N ARG B 141 -15.92 10.03 36.26
CA ARG B 141 -15.34 8.68 36.20
C ARG B 141 -15.93 7.71 37.25
N ASN B 142 -16.34 8.26 38.39
CA ASN B 142 -16.97 7.47 39.48
C ASN B 142 -18.51 7.41 39.42
N ILE B 143 -19.10 8.06 38.41
CA ILE B 143 -20.55 7.96 38.16
C ILE B 143 -20.79 6.83 37.17
N LEU B 144 -21.74 5.95 37.50
CA LEU B 144 -22.12 4.81 36.66
C LEU B 144 -23.45 5.05 35.94
N VAL B 145 -23.68 4.30 34.86
CA VAL B 145 -24.85 4.48 34.00
C VAL B 145 -25.71 3.21 34.02
N GLU B 146 -26.89 3.30 34.63
CA GLU B 146 -27.84 2.18 34.72
C GLU B 146 -28.49 1.94 33.34
N SER B 147 -29.03 3.02 32.78
CA SER B 147 -29.49 3.06 31.39
C SER B 147 -29.15 4.45 30.85
N GLU B 148 -29.49 4.74 29.59
CA GLU B 148 -29.21 6.08 29.06
C GLU B 148 -30.11 7.19 29.64
N ALA B 149 -31.10 6.83 30.49
CA ALA B 149 -31.88 7.81 31.26
C ALA B 149 -31.73 7.66 32.78
N HIS B 150 -30.61 7.09 33.24
CA HIS B 150 -30.43 6.74 34.67
C HIS B 150 -28.97 6.58 35.01
N VAL B 151 -28.44 7.46 35.88
CA VAL B 151 -27.07 7.35 36.40
C VAL B 151 -27.03 7.18 37.92
N LYS B 152 -25.98 6.54 38.42
CA LYS B 152 -25.78 6.30 39.86
C LYS B 152 -24.38 6.67 40.33
N ILE B 153 -24.28 7.19 41.55
CA ILE B 153 -23.00 7.51 42.18
C ILE B 153 -22.32 6.23 42.68
N ALA B 154 -21.00 6.14 42.52
CA ALA B 154 -20.22 4.94 42.88
C ALA B 154 -18.85 5.28 43.47
N ASP B 155 -18.11 4.24 43.87
CA ASP B 155 -16.76 4.34 44.47
C ASP B 155 -16.75 5.10 45.80
N PHE B 156 -17.04 4.38 46.89
CA PHE B 156 -17.06 4.95 48.23
C PHE B 156 -15.78 4.59 49.03
N GLY B 157 -14.65 4.46 48.32
CA GLY B 157 -13.37 4.09 48.92
C GLY B 157 -12.72 5.19 49.74
N LEU B 158 -12.86 6.43 49.28
CA LEU B 158 -12.41 7.61 50.03
C LEU B 158 -13.54 8.24 50.86
N ALA B 159 -14.73 7.65 50.83
CA ALA B 159 -15.92 8.21 51.51
C ALA B 159 -15.79 8.08 53.02
N LYS B 160 -16.16 9.16 53.71
CA LYS B 160 -16.09 9.21 55.18
C LYS B 160 -17.39 9.77 55.76
N LEU B 161 -17.72 9.31 56.97
CA LEU B 161 -18.86 9.82 57.71
C LEU B 161 -18.41 10.99 58.56
N LEU B 162 -19.19 12.07 58.57
CA LEU B 162 -18.93 13.20 59.44
C LEU B 162 -19.12 12.77 60.89
N PRO B 163 -18.37 13.37 61.85
CA PRO B 163 -18.67 13.08 63.25
C PRO B 163 -20.08 13.56 63.62
N LEU B 164 -20.73 12.85 64.54
CA LEU B 164 -22.14 13.08 64.88
C LEU B 164 -22.46 14.52 65.34
N ASP B 165 -21.46 15.23 65.87
CA ASP B 165 -21.60 16.61 66.37
C ASP B 165 -20.76 17.67 65.61
N LYS B 166 -20.32 17.34 64.39
CA LYS B 166 -19.45 18.24 63.59
C LYS B 166 -19.77 18.16 62.09
N ASP B 167 -19.71 19.29 61.41
CA ASP B 167 -20.05 19.40 59.97
C ASP B 167 -18.83 19.42 59.02
N VAL B 170 -11.20 16.69 58.92
CA VAL B 170 -9.83 16.82 58.40
C VAL B 170 -9.24 15.43 58.13
N VAL B 171 -8.54 15.30 57.00
CA VAL B 171 -7.98 14.02 56.54
C VAL B 171 -6.46 14.13 56.35
N ARG B 172 -5.75 13.01 56.56
CA ARG B 172 -4.29 12.93 56.33
C ARG B 172 -3.96 11.75 55.44
N SER B 177 -6.83 11.96 45.31
CA SER B 177 -7.34 12.11 43.94
C SER B 177 -6.75 13.35 43.25
N PRO B 178 -7.04 13.56 41.94
CA PRO B 178 -6.56 14.76 41.25
C PRO B 178 -7.02 16.08 41.87
N ILE B 179 -6.12 17.06 41.89
CA ILE B 179 -6.35 18.35 42.57
C ILE B 179 -7.44 19.25 41.94
N PHE B 180 -7.84 18.95 40.70
CA PHE B 180 -8.75 19.83 39.94
C PHE B 180 -10.24 19.68 40.28
N TRP B 181 -10.59 18.71 41.14
CA TRP B 181 -11.94 18.55 41.70
C TRP B 181 -12.06 19.04 43.14
N TYR B 182 -10.93 19.33 43.79
CA TYR B 182 -10.90 19.67 45.22
C TYR B 182 -11.21 21.14 45.46
N ALA B 183 -11.81 21.43 46.62
CA ALA B 183 -12.08 22.80 47.06
C ALA B 183 -10.80 23.42 47.61
N PRO B 184 -10.73 24.77 47.72
CA PRO B 184 -9.55 25.45 48.27
C PRO B 184 -9.16 24.99 49.68
N GLU B 185 -10.14 24.89 50.57
CA GLU B 185 -9.90 24.45 51.95
C GLU B 185 -9.39 22.99 52.05
N SER B 186 -9.75 22.17 51.06
CA SER B 186 -9.21 20.81 50.93
C SER B 186 -7.76 20.83 50.44
N LEU B 187 -7.49 21.62 49.41
CA LEU B 187 -6.13 21.78 48.86
C LEU B 187 -5.15 22.38 49.87
N SER B 188 -5.63 23.32 50.69
CA SER B 188 -4.77 24.07 51.62
C SER B 188 -4.68 23.45 53.01
N ASP B 189 -5.82 23.06 53.57
CA ASP B 189 -5.93 22.57 54.96
C ASP B 189 -6.45 21.13 55.11
N ASN B 190 -6.66 20.43 53.99
CA ASN B 190 -7.23 19.06 53.98
C ASN B 190 -8.62 18.96 54.64
N ILE B 191 -9.41 20.03 54.56
CA ILE B 191 -10.73 20.11 55.20
C ILE B 191 -11.79 19.64 54.21
N PHE B 192 -12.52 18.58 54.56
CA PHE B 192 -13.57 18.02 53.71
C PHE B 192 -14.93 18.10 54.39
N SER B 193 -15.97 18.22 53.57
CA SER B 193 -17.34 18.40 54.07
C SER B 193 -18.35 18.13 52.95
N ARG B 194 -19.63 18.27 53.27
CA ARG B 194 -20.69 18.28 52.25
C ARG B 194 -20.54 19.49 51.30
N GLN B 195 -20.04 20.60 51.83
CA GLN B 195 -19.80 21.81 51.04
C GLN B 195 -18.63 21.65 50.06
N SER B 196 -17.62 20.84 50.42
CA SER B 196 -16.53 20.49 49.47
C SER B 196 -16.99 19.50 48.38
N ASP B 197 -17.97 18.66 48.70
CA ASP B 197 -18.62 17.82 47.67
C ASP B 197 -19.45 18.66 46.69
N VAL B 198 -20.04 19.75 47.17
CA VAL B 198 -20.78 20.70 46.32
C VAL B 198 -19.83 21.37 45.31
N TRP B 199 -18.63 21.73 45.75
CA TRP B 199 -17.56 22.21 44.86
C TRP B 199 -17.27 21.21 43.76
N SER B 200 -17.13 19.95 44.14
CA SER B 200 -16.85 18.86 43.18
C SER B 200 -18.00 18.67 42.18
N PHE B 201 -19.24 18.74 42.68
CA PHE B 201 -20.44 18.67 41.84
C PHE B 201 -20.46 19.75 40.74
N GLY B 202 -19.90 20.93 41.05
CA GLY B 202 -19.69 21.98 40.06
C GLY B 202 -18.78 21.50 38.94
N VAL B 203 -17.67 20.88 39.31
CA VAL B 203 -16.71 20.30 38.34
C VAL B 203 -17.36 19.19 37.51
N VAL B 204 -18.22 18.40 38.13
CA VAL B 204 -18.99 17.36 37.42
C VAL B 204 -19.96 17.97 36.40
N LEU B 205 -20.65 19.03 36.78
CA LEU B 205 -21.53 19.77 35.86
C LEU B 205 -20.76 20.23 34.62
N TYR B 206 -19.54 20.75 34.84
CA TYR B 206 -18.65 21.13 33.74
C TYR B 206 -18.29 19.93 32.85
N GLU B 207 -17.98 18.79 33.49
CA GLU B 207 -17.69 17.54 32.78
C GLU B 207 -18.83 17.08 31.88
N LEU B 208 -20.05 17.09 32.43
CA LEU B 208 -21.25 16.68 31.70
C LEU B 208 -21.48 17.54 30.47
N PHE B 209 -21.52 18.86 30.66
CA PHE B 209 -21.82 19.79 29.57
C PHE B 209 -20.67 20.05 28.57
N THR B 210 -19.48 19.51 28.85
CA THR B 210 -18.39 19.40 27.85
C THR B 210 -18.26 17.97 27.28
N TYR B 211 -19.19 17.08 27.65
CA TYR B 211 -19.16 15.65 27.30
C TYR B 211 -17.81 14.97 27.63
N CYS B 212 -17.22 15.32 28.77
CA CYS B 212 -15.92 14.81 29.22
C CYS B 212 -14.82 14.82 28.14
N ASP B 213 -14.83 15.86 27.32
CA ASP B 213 -13.87 16.01 26.23
C ASP B 213 -12.50 16.30 26.85
N LYS B 214 -11.51 15.51 26.47
CA LYS B 214 -10.17 15.55 27.08
C LYS B 214 -9.37 16.82 26.74
N SER B 215 -9.65 17.43 25.60
CA SER B 215 -8.95 18.65 25.16
C SER B 215 -9.33 19.90 25.98
N CYS B 216 -10.54 19.91 26.54
CA CYS B 216 -11.00 20.99 27.42
C CYS B 216 -11.43 20.46 28.80
N SER B 217 -10.71 19.45 29.30
CA SER B 217 -10.95 18.85 30.62
C SER B 217 -10.51 19.80 31.74
N PRO B 218 -10.97 19.55 32.99
CA PRO B 218 -10.52 20.33 34.15
C PRO B 218 -9.00 20.53 34.26
N SER B 219 -8.24 19.46 34.04
CA SER B 219 -6.77 19.53 34.06
C SER B 219 -6.20 20.37 32.91
N ALA B 220 -6.72 20.14 31.71
CA ALA B 220 -6.29 20.88 30.51
C ALA B 220 -6.57 22.38 30.61
N GLU B 221 -7.72 22.74 31.21
CA GLU B 221 -8.09 24.14 31.39
C GLU B 221 -7.27 24.83 32.47
N PHE B 222 -7.13 24.20 33.64
CA PHE B 222 -6.36 24.80 34.74
C PHE B 222 -4.88 24.96 34.38
N LEU B 223 -4.31 23.95 33.72
CA LEU B 223 -2.93 24.02 33.21
C LEU B 223 -2.72 25.15 32.19
N ARG B 224 -3.75 25.44 31.39
CA ARG B 224 -3.74 26.58 30.47
C ARG B 224 -3.74 27.91 31.23
N MET B 225 -4.66 28.05 32.18
CA MET B 225 -4.83 29.30 32.95
C MET B 225 -3.61 29.67 33.79
N MET B 226 -3.01 28.70 34.47
CA MET B 226 -1.76 28.91 35.22
C MET B 226 -0.55 28.97 34.28
N GLY B 227 -0.56 28.15 33.23
CA GLY B 227 0.46 28.20 32.18
C GLY B 227 1.75 27.50 32.57
N PRO B 233 5.18 24.18 41.87
CA PRO B 233 4.28 23.03 41.93
C PRO B 233 2.87 23.34 41.43
N ALA B 234 2.12 22.30 41.08
CA ALA B 234 0.74 22.43 40.62
C ALA B 234 -0.21 22.86 41.75
N LEU B 235 0.00 22.31 42.94
CA LEU B 235 -0.81 22.63 44.12
C LEU B 235 -0.71 24.09 44.55
N SER B 236 0.48 24.69 44.41
CA SER B 236 0.72 26.08 44.76
C SER B 236 0.01 27.04 43.81
N ARG B 237 0.24 26.85 42.51
CA ARG B 237 -0.33 27.73 41.47
C ARG B 237 -1.86 27.62 41.36
N LEU B 238 -2.40 26.42 41.52
CA LEU B 238 -3.85 26.17 41.46
C LEU B 238 -4.61 26.89 42.59
N LEU B 239 -4.09 26.78 43.80
CA LEU B 239 -4.68 27.46 44.96
C LEU B 239 -4.66 28.98 44.80
N GLU B 240 -3.49 29.51 44.38
CA GLU B 240 -3.34 30.93 44.06
C GLU B 240 -4.25 31.40 42.92
N LEU B 241 -4.41 30.55 41.90
CA LEU B 241 -5.34 30.84 40.78
C LEU B 241 -6.80 30.90 41.25
N LEU B 242 -7.19 29.98 42.12
CA LEU B 242 -8.55 29.96 42.69
C LEU B 242 -8.82 31.17 43.62
N GLU B 243 -7.80 31.58 44.38
CA GLU B 243 -7.89 32.75 45.27
C GLU B 243 -7.97 34.06 44.48
N GLU B 244 -7.26 34.12 43.34
CA GLU B 244 -7.34 35.25 42.39
C GLU B 244 -8.75 35.49 41.82
N GLY B 245 -9.59 34.45 41.81
CA GLY B 245 -10.97 34.51 41.29
C GLY B 245 -11.21 33.75 40.00
N GLN B 246 -10.16 33.12 39.46
CA GLN B 246 -10.26 32.40 38.19
C GLN B 246 -10.89 31.02 38.38
N ARG B 247 -11.74 30.64 37.42
CA ARG B 247 -12.53 29.41 37.47
C ARG B 247 -12.51 28.75 36.08
N LEU B 248 -13.06 27.55 35.99
CA LEU B 248 -13.26 26.89 34.69
C LEU B 248 -14.28 27.69 33.89
N PRO B 249 -14.06 27.83 32.56
CA PRO B 249 -14.97 28.65 31.75
C PRO B 249 -16.34 28.00 31.52
N ALA B 250 -17.29 28.80 31.04
CA ALA B 250 -18.64 28.30 30.73
C ALA B 250 -18.56 27.38 29.50
N PRO B 251 -19.06 26.13 29.62
CA PRO B 251 -19.18 25.31 28.40
C PRO B 251 -20.21 25.90 27.43
N PRO B 252 -19.93 25.87 26.11
CA PRO B 252 -20.89 26.44 25.14
C PRO B 252 -22.24 25.68 25.07
N ALA B 253 -22.21 24.36 25.27
CA ALA B 253 -23.42 23.54 25.35
C ALA B 253 -24.25 23.78 26.63
N CYS B 254 -23.60 24.27 27.69
CA CYS B 254 -24.24 24.53 28.99
C CYS B 254 -25.19 25.73 28.92
N PRO B 255 -26.46 25.57 29.38
CA PRO B 255 -27.33 26.74 29.53
C PRO B 255 -26.79 27.74 30.56
N ALA B 256 -27.04 29.02 30.33
CA ALA B 256 -26.53 30.10 31.19
C ALA B 256 -26.91 29.94 32.66
N GLU B 257 -28.14 29.47 32.92
CA GLU B 257 -28.63 29.27 34.29
C GLU B 257 -27.84 28.19 35.03
N VAL B 258 -27.47 27.12 34.32
CA VAL B 258 -26.65 26.04 34.89
C VAL B 258 -25.23 26.54 35.23
N HIS B 259 -24.65 27.35 34.35
CA HIS B 259 -23.31 27.93 34.59
C HIS B 259 -23.25 28.84 35.79
N GLU B 260 -24.29 29.63 36.02
CA GLU B 260 -24.37 30.47 37.22
C GLU B 260 -24.40 29.62 38.50
N LEU B 261 -25.11 28.49 38.47
CA LEU B 261 -25.13 27.54 39.60
C LEU B 261 -23.76 26.92 39.87
N MET B 262 -22.99 26.64 38.82
CA MET B 262 -21.60 26.15 38.97
C MET B 262 -20.71 27.15 39.71
N LYS B 263 -20.86 28.44 39.38
CA LYS B 263 -20.10 29.51 40.05
C LYS B 263 -20.47 29.63 41.53
N LEU B 264 -21.75 29.44 41.85
CA LEU B 264 -22.19 29.39 43.25
C LEU B 264 -21.62 28.15 43.97
N CYS B 265 -21.57 27.02 43.28
CA CYS B 265 -20.87 25.83 43.79
C CYS B 265 -19.37 26.08 44.04
N TRP B 266 -18.76 26.95 43.21
CA TRP B 266 -17.35 27.34 43.37
C TRP B 266 -17.14 28.62 44.17
N ALA B 267 -17.98 28.86 45.17
CA ALA B 267 -17.83 30.04 46.03
C ALA B 267 -16.63 29.87 46.95
N PRO B 268 -15.86 30.95 47.21
CA PRO B 268 -14.62 30.82 48.00
C PRO B 268 -14.82 30.25 49.41
N SER B 269 -15.88 30.71 50.10
CA SER B 269 -16.23 30.20 51.43
C SER B 269 -17.19 29.01 51.31
N PRO B 270 -16.98 27.94 52.10
CA PRO B 270 -17.94 26.82 52.18
C PRO B 270 -19.39 27.22 52.53
N GLN B 271 -19.54 28.17 53.45
CA GLN B 271 -20.86 28.63 53.91
C GLN B 271 -21.70 29.36 52.87
N ASP B 272 -21.03 29.95 51.87
CA ASP B 272 -21.72 30.67 50.78
C ASP B 272 -22.19 29.78 49.63
N ARG B 273 -21.73 28.53 49.58
CA ARG B 273 -22.12 27.58 48.53
C ARG B 273 -23.53 27.06 48.79
N PRO B 274 -24.29 26.77 47.71
CA PRO B 274 -25.64 26.25 47.87
C PRO B 274 -25.64 24.76 48.24
N SER B 275 -26.61 24.35 49.06
CA SER B 275 -26.77 22.94 49.41
C SER B 275 -27.40 22.15 48.25
N PHE B 276 -27.28 20.83 48.31
CA PHE B 276 -27.88 19.96 47.30
C PHE B 276 -29.41 19.98 47.29
N SER B 277 -30.01 20.29 48.46
CA SER B 277 -31.45 20.51 48.57
C SER B 277 -31.90 21.77 47.83
N ALA B 278 -31.07 22.82 47.83
CA ALA B 278 -31.34 24.04 47.06
C ALA B 278 -31.08 23.84 45.57
N LEU B 279 -29.97 23.19 45.24
CA LEU B 279 -29.54 22.97 43.83
C LEU B 279 -30.54 22.15 43.00
N GLY B 280 -31.07 21.08 43.59
CA GLY B 280 -31.93 20.11 42.91
C GLY B 280 -33.14 20.71 42.18
N PRO B 281 -33.98 21.47 42.91
CA PRO B 281 -35.11 22.18 42.32
C PRO B 281 -34.71 23.22 41.27
N GLN B 282 -33.58 23.92 41.49
CA GLN B 282 -33.07 24.86 40.50
C GLN B 282 -32.69 24.16 39.20
N LEU B 283 -32.02 23.01 39.28
CA LEU B 283 -31.67 22.20 38.10
C LEU B 283 -32.91 21.68 37.37
N ASP B 284 -33.86 21.10 38.12
CA ASP B 284 -35.08 20.51 37.55
C ASP B 284 -35.99 21.52 36.86
N MET B 285 -36.11 22.72 37.44
CA MET B 285 -37.01 23.75 36.92
C MET B 285 -36.48 24.58 35.74
N LEU B 286 -35.25 24.31 35.27
CA LEU B 286 -34.70 24.99 34.10
C LEU B 286 -35.39 24.51 32.82
N TRP B 287 -35.93 25.48 32.06
CA TRP B 287 -36.64 25.24 30.80
C TRP B 287 -37.89 24.42 30.97
N SER B 288 -38.95 25.08 31.46
CA SER B 288 -40.26 24.45 31.64
C SER B 288 -41.37 25.49 31.76
N PRO C 2 -39.61 -19.81 23.37
CA PRO C 2 -38.15 -19.98 23.42
C PRO C 2 -37.40 -19.09 22.42
N THR C 3 -37.84 -19.13 21.16
CA THR C 3 -37.22 -18.37 20.07
C THR C 3 -37.86 -17.00 19.85
N ILE C 4 -39.10 -16.82 20.29
CA ILE C 4 -39.82 -15.53 20.15
C ILE C 4 -39.71 -14.69 21.42
N PHE C 5 -39.04 -13.55 21.31
CA PHE C 5 -38.86 -12.61 22.42
C PHE C 5 -39.92 -11.51 22.31
N GLU C 6 -40.74 -11.35 23.36
CA GLU C 6 -41.78 -10.33 23.39
C GLU C 6 -41.17 -8.95 23.63
N GLU C 7 -41.58 -7.96 22.82
CA GLU C 7 -40.95 -6.63 22.80
C GLU C 7 -41.13 -5.87 24.12
N ARG C 8 -42.30 -5.99 24.73
CA ARG C 8 -42.60 -5.35 26.02
C ARG C 8 -41.66 -5.77 27.16
N HIS C 9 -41.21 -7.03 27.13
CA HIS C 9 -40.27 -7.55 28.14
C HIS C 9 -38.81 -7.24 27.84
N LEU C 10 -38.51 -6.90 26.58
CA LEU C 10 -37.16 -6.42 26.22
C LEU C 10 -36.97 -4.97 26.70
N LYS C 11 -36.25 -4.80 27.80
CA LYS C 11 -36.02 -3.49 28.41
C LYS C 11 -34.72 -2.86 27.89
N TYR C 12 -34.85 -1.71 27.22
CA TYR C 12 -33.71 -1.01 26.60
C TYR C 12 -32.78 -0.40 27.65
N ILE C 13 -31.47 -0.62 27.48
CA ILE C 13 -30.44 -0.03 28.36
C ILE C 13 -29.69 1.10 27.64
N SER C 14 -29.05 0.76 26.52
CA SER C 14 -28.20 1.70 25.77
C SER C 14 -27.78 1.11 24.41
N GLN C 15 -27.07 1.89 23.61
CA GLN C 15 -26.61 1.46 22.28
C GLN C 15 -25.25 0.73 22.33
N LEU C 16 -25.07 -0.23 21.43
CA LEU C 16 -23.77 -0.93 21.24
C LEU C 16 -23.13 -0.50 19.93
N GLY C 17 -23.84 -0.69 18.83
CA GLY C 17 -23.35 -0.39 17.47
C GLY C 17 -24.30 0.47 16.66
N LYS C 18 -23.82 0.94 15.51
CA LYS C 18 -24.62 1.77 14.59
C LYS C 18 -24.04 1.78 13.18
N GLY C 22 -27.74 -1.95 10.34
CA GLY C 22 -28.50 -0.86 10.97
C GLY C 22 -27.90 -0.41 12.29
N SER C 23 -28.34 -1.03 13.37
CA SER C 23 -27.82 -0.73 14.72
C SER C 23 -28.05 -1.89 15.70
N VAL C 24 -27.18 -1.98 16.71
CA VAL C 24 -27.30 -2.99 17.77
C VAL C 24 -27.46 -2.27 19.11
N GLU C 25 -28.41 -2.75 19.92
CA GLU C 25 -28.77 -2.15 21.21
C GLU C 25 -28.62 -3.15 22.34
N LEU C 26 -28.19 -2.66 23.50
CA LEU C 26 -28.12 -3.47 24.72
C LEU C 26 -29.47 -3.43 25.41
N CYS C 27 -30.07 -4.61 25.61
CA CYS C 27 -31.35 -4.75 26.31
C CYS C 27 -31.26 -5.81 27.39
N ARG C 28 -32.25 -5.84 28.28
CA ARG C 28 -32.45 -6.94 29.21
C ARG C 28 -33.84 -7.52 28.97
N TYR C 29 -33.90 -8.80 28.59
CA TYR C 29 -35.18 -9.51 28.49
C TYR C 29 -35.59 -9.90 29.90
N ASP C 30 -36.67 -9.31 30.41
CA ASP C 30 -37.02 -9.40 31.83
C ASP C 30 -38.53 -9.60 32.05
N PRO C 31 -39.05 -10.79 31.70
CA PRO C 31 -40.48 -11.09 31.91
C PRO C 31 -40.87 -11.31 33.39
N LEU C 32 -39.89 -11.62 34.22
CA LEU C 32 -40.09 -11.73 35.68
C LEU C 32 -40.28 -10.36 36.34
N GLY C 33 -39.69 -9.32 35.75
CA GLY C 33 -39.84 -7.95 36.24
C GLY C 33 -39.10 -7.63 37.52
N ASP C 34 -37.97 -8.32 37.74
CA ASP C 34 -37.11 -8.12 38.92
C ASP C 34 -35.64 -7.84 38.56
N ASN C 35 -35.38 -7.48 37.30
CA ASN C 35 -34.02 -7.25 36.75
C ASN C 35 -33.00 -8.41 36.84
N THR C 36 -33.48 -9.64 37.08
CA THR C 36 -32.62 -10.83 37.11
C THR C 36 -32.47 -11.49 35.73
N GLY C 37 -33.23 -11.01 34.74
CA GLY C 37 -33.17 -11.54 33.39
C GLY C 37 -31.85 -11.29 32.68
N ALA C 38 -31.61 -12.04 31.61
CA ALA C 38 -30.34 -11.99 30.90
C ALA C 38 -30.22 -10.73 30.03
N LEU C 39 -29.01 -10.17 29.98
CA LEU C 39 -28.69 -9.09 29.03
C LEU C 39 -28.55 -9.69 27.63
N VAL C 40 -29.10 -9.00 26.63
CA VAL C 40 -29.03 -9.45 25.23
C VAL C 40 -28.66 -8.28 24.30
N ALA C 41 -28.02 -8.61 23.18
CA ALA C 41 -27.68 -7.64 22.13
C ALA C 41 -28.66 -7.79 20.98
N VAL C 42 -29.46 -6.75 20.73
CA VAL C 42 -30.58 -6.79 19.79
C VAL C 42 -30.29 -5.96 18.53
N LYS C 43 -30.25 -6.61 17.37
CA LYS C 43 -30.00 -5.93 16.10
C LYS C 43 -31.30 -5.61 15.37
N GLN C 44 -31.35 -4.41 14.77
CA GLN C 44 -32.51 -3.96 14.00
C GLN C 44 -32.06 -3.09 12.82
N LEU C 45 -32.88 -3.03 11.77
CA LEU C 45 -32.64 -2.17 10.61
C LEU C 45 -33.25 -0.81 10.84
N GLN C 46 -32.49 0.24 10.54
CA GLN C 46 -32.92 1.63 10.71
C GLN C 46 -33.47 2.17 9.39
N HIS C 47 -34.66 1.69 9.02
CA HIS C 47 -35.40 2.13 7.83
C HIS C 47 -34.60 1.99 6.55
N SER C 48 -34.10 0.77 6.33
CA SER C 48 -33.27 0.44 5.16
C SER C 48 -34.14 0.11 3.95
N GLY C 49 -33.48 -0.15 2.81
CA GLY C 49 -34.16 -0.58 1.59
C GLY C 49 -34.59 -2.03 1.62
N PRO C 50 -35.30 -2.50 0.57
CA PRO C 50 -35.66 -3.92 0.46
C PRO C 50 -34.47 -4.90 0.34
N ASP C 51 -33.35 -4.44 -0.22
CA ASP C 51 -32.14 -5.27 -0.39
C ASP C 51 -31.50 -5.64 0.95
N GLN C 52 -31.37 -4.64 1.83
CA GLN C 52 -30.84 -4.86 3.19
C GLN C 52 -31.82 -5.62 4.08
N GLN C 53 -33.12 -5.51 3.78
CA GLN C 53 -34.16 -6.25 4.51
C GLN C 53 -34.11 -7.76 4.20
N ARG C 54 -33.79 -8.11 2.95
CA ARG C 54 -33.56 -9.50 2.55
C ARG C 54 -32.23 -10.06 3.07
N ASP C 55 -31.19 -9.22 3.11
CA ASP C 55 -29.90 -9.58 3.72
C ASP C 55 -30.01 -9.89 5.22
N PHE C 56 -30.89 -9.15 5.90
CA PHE C 56 -31.15 -9.34 7.33
C PHE C 56 -31.85 -10.67 7.61
N GLN C 57 -32.86 -11.00 6.80
CA GLN C 57 -33.52 -12.32 6.82
C GLN C 57 -32.50 -13.47 6.65
N ARG C 58 -31.57 -13.27 5.72
CA ARG C 58 -30.48 -14.23 5.47
C ARG C 58 -29.53 -14.31 6.66
N GLU C 59 -29.11 -13.16 7.19
CA GLU C 59 -28.20 -13.07 8.34
C GLU C 59 -28.74 -13.80 9.57
N ILE C 60 -30.03 -13.65 9.83
CA ILE C 60 -30.73 -14.31 10.95
C ILE C 60 -30.66 -15.83 10.83
N GLN C 61 -30.97 -16.35 9.64
CA GLN C 61 -31.00 -17.80 9.40
C GLN C 61 -29.61 -18.44 9.37
N ILE C 62 -28.62 -17.70 8.86
CA ILE C 62 -27.23 -18.17 8.89
C ILE C 62 -26.80 -18.38 10.34
N LEU C 63 -26.86 -17.31 11.13
CA LEU C 63 -26.46 -17.35 12.55
C LEU C 63 -27.28 -18.34 13.40
N LYS C 64 -28.56 -18.48 13.10
CA LYS C 64 -29.43 -19.46 13.80
C LYS C 64 -28.93 -20.90 13.62
N ALA C 65 -28.52 -21.25 12.40
CA ALA C 65 -28.02 -22.60 12.07
C ALA C 65 -26.58 -22.88 12.51
N LEU C 66 -25.80 -21.84 12.84
CA LEU C 66 -24.44 -22.00 13.36
C LEU C 66 -24.45 -22.39 14.84
N HIS C 67 -23.62 -23.36 15.20
CA HIS C 67 -23.51 -23.85 16.58
C HIS C 67 -22.06 -24.09 16.91
N SER C 68 -21.46 -23.16 17.64
CA SER C 68 -20.04 -23.21 17.96
C SER C 68 -19.73 -22.41 19.22
N ASP C 69 -18.74 -22.88 19.99
CA ASP C 69 -18.26 -22.15 21.18
C ASP C 69 -17.48 -20.89 20.81
N PHE C 70 -17.01 -20.81 19.57
CA PHE C 70 -16.22 -19.67 19.07
C PHE C 70 -16.99 -18.82 18.03
N ILE C 71 -18.33 -18.91 18.06
CA ILE C 71 -19.22 -18.05 17.27
C ILE C 71 -20.32 -17.54 18.20
N VAL C 72 -20.62 -16.24 18.13
CA VAL C 72 -21.66 -15.62 18.96
C VAL C 72 -23.01 -16.30 18.68
N LYS C 73 -23.76 -16.66 19.74
CA LYS C 73 -24.95 -17.50 19.53
C LYS C 73 -26.27 -16.74 19.42
N TYR C 74 -27.08 -17.18 18.45
CA TYR C 74 -28.46 -16.78 18.28
C TYR C 74 -29.29 -17.19 19.50
N ARG C 75 -30.12 -16.26 20.00
CA ARG C 75 -31.08 -16.54 21.06
C ARG C 75 -32.52 -16.55 20.55
N GLY C 76 -32.85 -15.63 19.66
CA GLY C 76 -34.19 -15.59 19.07
C GLY C 76 -34.45 -14.44 18.12
N VAL C 77 -35.73 -14.11 17.95
CA VAL C 77 -36.17 -12.91 17.24
C VAL C 77 -37.33 -12.23 17.96
N SER C 78 -37.52 -10.93 17.69
CA SER C 78 -38.67 -10.17 18.17
C SER C 78 -39.37 -9.54 16.98
N TYR C 79 -40.65 -9.86 16.79
CA TYR C 79 -41.43 -9.43 15.61
C TYR C 79 -42.09 -8.06 15.80
N GLY C 80 -42.63 -7.53 14.69
CA GLY C 80 -43.38 -6.28 14.68
C GLY C 80 -44.87 -6.51 14.89
N SER C 85 -41.37 -4.09 13.44
CA SER C 85 -40.33 -4.64 12.57
C SER C 85 -39.54 -5.76 13.25
N LEU C 86 -38.83 -6.55 12.44
CA LEU C 86 -38.08 -7.71 12.90
C LEU C 86 -36.79 -7.29 13.61
N ARG C 87 -36.47 -7.96 14.71
CA ARG C 87 -35.22 -7.71 15.46
C ARG C 87 -34.54 -9.03 15.85
N LEU C 88 -33.21 -9.08 15.67
CA LEU C 88 -32.41 -10.28 15.94
C LEU C 88 -31.83 -10.24 17.35
N VAL C 89 -32.24 -11.19 18.19
CA VAL C 89 -31.75 -11.28 19.57
C VAL C 89 -30.52 -12.20 19.63
N MET C 90 -29.46 -11.71 20.28
CA MET C 90 -28.20 -12.43 20.41
C MET C 90 -27.77 -12.39 21.87
N GLU C 91 -26.88 -13.31 22.25
CA GLU C 91 -26.25 -13.25 23.57
C GLU C 91 -25.39 -12.00 23.67
N TYR C 92 -25.31 -11.44 24.87
CA TYR C 92 -24.47 -10.27 25.13
C TYR C 92 -23.24 -10.69 25.92
N LEU C 93 -22.06 -10.34 25.41
CA LEU C 93 -20.77 -10.58 26.08
C LEU C 93 -20.22 -9.27 26.67
N PRO C 94 -20.34 -9.08 28.01
CA PRO C 94 -20.11 -7.78 28.63
C PRO C 94 -18.69 -7.19 28.56
N SER C 95 -17.70 -8.01 28.23
CA SER C 95 -16.32 -7.50 28.03
C SER C 95 -16.13 -6.73 26.70
N GLY C 96 -17.07 -6.85 25.76
CA GLY C 96 -17.05 -6.08 24.51
C GLY C 96 -16.29 -6.78 23.40
N CYS C 97 -15.80 -6.01 22.43
CA CYS C 97 -15.04 -6.56 21.30
C CYS C 97 -13.55 -6.67 21.61
N LEU C 98 -12.84 -7.44 20.78
CA LEU C 98 -11.41 -7.74 20.98
C LEU C 98 -10.51 -6.52 20.83
N ARG C 99 -10.81 -5.69 19.82
CA ARG C 99 -10.01 -4.48 19.52
C ARG C 99 -9.90 -3.53 20.71
N ASP C 100 -11.02 -3.29 21.39
CA ASP C 100 -11.04 -2.46 22.61
C ASP C 100 -10.41 -3.18 23.82
N PHE C 101 -10.51 -4.51 23.83
CA PHE C 101 -10.00 -5.33 24.93
C PHE C 101 -8.47 -5.35 24.97
N LEU C 102 -7.85 -5.50 23.80
CA LEU C 102 -6.38 -5.56 23.70
C LEU C 102 -5.69 -4.22 24.03
N GLN C 103 -6.30 -3.11 23.62
CA GLN C 103 -5.81 -1.76 23.96
C GLN C 103 -5.95 -1.48 25.45
N ARG C 104 -7.06 -1.92 26.05
CA ARG C 104 -7.34 -1.68 27.47
C ARG C 104 -6.47 -2.52 28.40
N HIS C 105 -6.32 -3.80 28.08
CA HIS C 105 -5.62 -4.76 28.95
C HIS C 105 -4.33 -5.26 28.34
N ARG C 106 -3.53 -4.33 27.82
CA ARG C 106 -2.28 -4.67 27.13
C ARG C 106 -1.21 -5.24 28.07
N ALA C 107 -0.95 -4.55 29.18
CA ALA C 107 0.09 -4.96 30.14
C ALA C 107 -0.25 -6.23 30.96
N ARG C 108 -1.36 -6.88 30.61
CA ARG C 108 -1.93 -8.03 31.32
C ARG C 108 -2.00 -9.31 30.46
N LEU C 109 -2.05 -9.15 29.13
CA LEU C 109 -2.13 -10.27 28.19
C LEU C 109 -0.78 -10.49 27.53
N ASP C 110 -0.16 -11.65 27.79
CA ASP C 110 1.13 -12.03 27.17
C ASP C 110 0.93 -12.66 25.79
N ALA C 111 2.02 -13.05 25.14
CA ALA C 111 1.97 -13.67 23.80
C ALA C 111 1.22 -15.02 23.77
N SER C 112 1.32 -15.78 24.85
CA SER C 112 0.59 -17.05 24.99
C SER C 112 -0.93 -16.83 24.92
N ARG C 113 -1.39 -15.80 25.60
CA ARG C 113 -2.81 -15.44 25.61
C ARG C 113 -3.31 -14.98 24.23
N LEU C 114 -2.52 -14.18 23.53
CA LEU C 114 -2.82 -13.80 22.14
C LEU C 114 -2.93 -15.03 21.24
N LEU C 115 -2.05 -16.01 21.46
CA LEU C 115 -2.05 -17.26 20.70
C LEU C 115 -3.30 -18.09 20.99
N LEU C 116 -3.78 -18.07 22.24
CA LEU C 116 -5.05 -18.73 22.60
C LEU C 116 -6.22 -18.12 21.84
N TYR C 117 -6.26 -16.79 21.74
CA TYR C 117 -7.30 -16.10 20.96
C TYR C 117 -7.21 -16.46 19.48
N SER C 118 -5.99 -16.51 18.93
CA SER C 118 -5.75 -16.92 17.53
C SER C 118 -6.23 -18.34 17.25
N SER C 119 -5.97 -19.25 18.19
CA SER C 119 -6.41 -20.65 18.09
C SER C 119 -7.93 -20.77 18.05
N GLN C 120 -8.60 -20.03 18.94
CA GLN C 120 -10.06 -20.06 19.07
C GLN C 120 -10.78 -19.47 17.86
N ILE C 121 -10.26 -18.35 17.35
CA ILE C 121 -10.78 -17.70 16.14
C ILE C 121 -10.63 -18.64 14.93
N CYS C 122 -9.43 -19.22 14.79
CA CYS C 122 -9.14 -20.20 13.75
C CYS C 122 -10.11 -21.40 13.80
N LYS C 123 -10.38 -21.91 15.01
CA LYS C 123 -11.35 -23.00 15.20
C LYS C 123 -12.78 -22.60 14.85
N GLY C 124 -13.12 -21.33 15.07
CA GLY C 124 -14.39 -20.77 14.61
C GLY C 124 -14.49 -20.74 13.09
N MET C 125 -13.44 -20.24 12.44
CA MET C 125 -13.38 -20.17 10.98
C MET C 125 -13.33 -21.55 10.31
N GLU C 126 -12.68 -22.52 10.96
CA GLU C 126 -12.69 -23.93 10.48
C GLU C 126 -14.12 -24.49 10.46
N TYR C 127 -14.86 -24.25 11.55
CA TYR C 127 -16.28 -24.62 11.62
C TYR C 127 -17.11 -23.88 10.58
N LEU C 128 -16.87 -22.58 10.45
CA LEU C 128 -17.61 -21.74 9.49
C LEU C 128 -17.37 -22.18 8.03
N GLY C 129 -16.16 -22.67 7.75
CA GLY C 129 -15.87 -23.31 6.47
C GLY C 129 -16.63 -24.60 6.23
N SER C 130 -16.82 -25.40 7.29
CA SER C 130 -17.59 -26.66 7.20
C SER C 130 -19.08 -26.46 6.88
N ARG C 131 -19.61 -25.28 7.16
CA ARG C 131 -20.98 -24.92 6.80
C ARG C 131 -21.09 -24.20 5.45
N ARG C 132 -19.99 -24.19 4.69
CA ARG C 132 -19.90 -23.50 3.38
C ARG C 132 -20.22 -22.00 3.47
N CYS C 133 -19.91 -21.39 4.60
CA CYS C 133 -20.17 -19.97 4.85
C CYS C 133 -18.88 -19.16 4.80
N VAL C 134 -18.91 -18.05 4.07
CA VAL C 134 -17.82 -17.07 4.06
C VAL C 134 -18.26 -15.88 4.90
N HIS C 135 -17.38 -15.41 5.79
CA HIS C 135 -17.69 -14.30 6.71
C HIS C 135 -17.65 -12.97 6.01
N ARG C 136 -16.57 -12.75 5.26
CA ARG C 136 -16.32 -11.52 4.46
C ARG C 136 -15.86 -10.28 5.24
N ASP C 137 -16.14 -10.23 6.55
CA ASP C 137 -15.80 -9.08 7.41
C ASP C 137 -15.09 -9.54 8.69
N LEU C 138 -14.13 -10.46 8.54
CA LEU C 138 -13.35 -10.96 9.67
C LEU C 138 -12.30 -9.92 10.10
N ALA C 139 -12.47 -9.39 11.30
CA ALA C 139 -11.54 -8.41 11.89
C ALA C 139 -11.75 -8.32 13.41
N ALA C 140 -10.74 -7.81 14.11
CA ALA C 140 -10.75 -7.70 15.58
C ALA C 140 -11.93 -6.92 16.15
N ARG C 141 -12.41 -5.92 15.41
CA ARG C 141 -13.62 -5.18 15.79
C ARG C 141 -14.88 -6.04 15.81
N ASN C 142 -14.91 -7.08 14.97
CA ASN C 142 -16.01 -8.04 14.88
C ASN C 142 -15.83 -9.32 15.72
N ILE C 143 -14.73 -9.41 16.47
CA ILE C 143 -14.51 -10.51 17.44
C ILE C 143 -14.92 -10.03 18.82
N LEU C 144 -15.72 -10.84 19.53
CA LEU C 144 -16.20 -10.53 20.87
C LEU C 144 -15.38 -11.26 21.94
N VAL C 145 -15.44 -10.76 23.17
CA VAL C 145 -14.73 -11.35 24.32
C VAL C 145 -15.75 -11.92 25.33
N GLU C 146 -15.89 -13.24 25.34
CA GLU C 146 -16.74 -13.95 26.32
C GLU C 146 -16.13 -13.86 27.73
N SER C 147 -14.81 -14.05 27.80
CA SER C 147 -14.03 -13.81 29.02
C SER C 147 -12.58 -13.57 28.63
N GLU C 148 -11.72 -13.33 29.62
CA GLU C 148 -10.26 -13.24 29.36
C GLU C 148 -9.66 -14.47 28.66
N ALA C 149 -10.27 -15.65 28.82
CA ALA C 149 -9.77 -16.89 28.19
C ALA C 149 -10.58 -17.38 26.97
N HIS C 150 -11.53 -16.57 26.49
CA HIS C 150 -12.52 -17.02 25.47
C HIS C 150 -12.96 -15.88 24.58
N VAL C 151 -12.81 -16.05 23.26
CA VAL C 151 -13.35 -15.09 22.27
C VAL C 151 -14.29 -15.76 21.27
N LYS C 152 -15.23 -14.98 20.72
CA LYS C 152 -16.23 -15.47 19.77
C LYS C 152 -16.32 -14.57 18.52
N ILE C 153 -16.53 -15.20 17.36
CA ILE C 153 -16.74 -14.48 16.10
C ILE C 153 -18.18 -13.96 16.05
N ALA C 154 -18.36 -12.72 15.61
CA ALA C 154 -19.69 -12.09 15.50
C ALA C 154 -19.78 -11.18 14.26
N ASP C 155 -20.96 -10.57 14.07
CA ASP C 155 -21.29 -9.73 12.90
C ASP C 155 -21.28 -10.52 11.59
N PHE C 156 -22.42 -11.14 11.28
CA PHE C 156 -22.58 -11.92 10.04
C PHE C 156 -23.46 -11.17 9.03
N GLY C 157 -23.38 -9.84 9.06
CA GLY C 157 -24.14 -8.98 8.14
C GLY C 157 -23.69 -9.06 6.69
N LEU C 158 -22.40 -9.30 6.47
CA LEU C 158 -21.84 -9.49 5.11
C LEU C 158 -21.57 -10.96 4.77
N ALA C 159 -22.00 -11.88 5.64
CA ALA C 159 -21.70 -13.31 5.49
C ALA C 159 -22.51 -13.91 4.34
N LYS C 160 -21.85 -14.71 3.52
CA LYS C 160 -22.47 -15.35 2.35
C LYS C 160 -22.23 -16.85 2.38
N LEU C 161 -23.27 -17.62 2.06
CA LEU C 161 -23.13 -19.06 1.86
C LEU C 161 -22.68 -19.31 0.41
N LEU C 162 -21.67 -20.17 0.26
CA LEU C 162 -21.19 -20.56 -1.07
C LEU C 162 -22.28 -21.34 -1.83
N PRO C 163 -22.34 -21.19 -3.18
CA PRO C 163 -23.23 -22.07 -3.95
C PRO C 163 -22.87 -23.54 -3.76
N LEU C 164 -23.87 -24.41 -3.64
CA LEU C 164 -23.66 -25.83 -3.28
C LEU C 164 -22.64 -26.58 -4.17
N ASP C 165 -22.51 -26.17 -5.43
CA ASP C 165 -21.55 -26.76 -6.37
C ASP C 165 -20.17 -26.06 -6.43
N LYS C 166 -20.12 -24.76 -6.14
CA LYS C 166 -18.90 -23.95 -6.33
C LYS C 166 -18.25 -23.50 -5.01
N ASP C 167 -16.93 -23.33 -5.02
CA ASP C 167 -16.15 -22.93 -3.84
C ASP C 167 -15.81 -21.42 -3.79
N VAL C 170 -19.06 -14.41 -6.26
CA VAL C 170 -18.78 -13.06 -6.75
C VAL C 170 -19.87 -12.09 -6.27
N VAL C 171 -19.46 -11.02 -5.59
CA VAL C 171 -20.38 -9.98 -5.12
C VAL C 171 -20.44 -8.83 -6.12
N ARG C 172 -21.66 -8.36 -6.41
CA ARG C 172 -21.90 -7.23 -7.33
C ARG C 172 -22.12 -5.92 -6.55
N GLU C 173 -21.16 -5.57 -5.70
CA GLU C 173 -21.20 -4.33 -4.93
C GLU C 173 -19.79 -3.97 -4.40
N GLN C 176 -18.70 -2.24 0.12
CA GLN C 176 -18.24 -1.01 0.78
C GLN C 176 -17.70 -1.25 2.19
N SER C 177 -16.87 -2.29 2.33
CA SER C 177 -16.24 -2.67 3.60
C SER C 177 -14.86 -2.01 3.69
N PRO C 178 -14.28 -1.91 4.90
CA PRO C 178 -12.87 -1.53 5.01
C PRO C 178 -11.92 -2.45 4.22
N ILE C 179 -11.25 -1.86 3.23
CA ILE C 179 -10.45 -2.61 2.23
C ILE C 179 -9.14 -3.22 2.75
N PHE C 180 -8.69 -2.80 3.94
CA PHE C 180 -7.40 -3.24 4.48
C PHE C 180 -7.37 -4.69 5.03
N TRP C 181 -8.53 -5.36 5.04
CA TRP C 181 -8.64 -6.79 5.34
C TRP C 181 -8.91 -7.65 4.12
N TYR C 182 -9.16 -7.03 2.96
CA TYR C 182 -9.49 -7.76 1.72
C TYR C 182 -8.26 -8.41 1.09
N ALA C 183 -8.46 -9.59 0.50
CA ALA C 183 -7.44 -10.25 -0.31
C ALA C 183 -7.40 -9.64 -1.72
N PRO C 184 -6.31 -9.85 -2.48
CA PRO C 184 -6.16 -9.31 -3.85
C PRO C 184 -7.34 -9.55 -4.80
N GLU C 185 -7.80 -10.80 -4.89
CA GLU C 185 -8.92 -11.17 -5.77
C GLU C 185 -10.25 -10.49 -5.42
N SER C 186 -10.44 -10.14 -4.14
CA SER C 186 -11.61 -9.38 -3.69
C SER C 186 -11.53 -7.92 -4.13
N LEU C 187 -10.35 -7.33 -4.01
CA LEU C 187 -10.11 -5.96 -4.47
C LEU C 187 -10.24 -5.84 -5.99
N SER C 188 -9.61 -6.76 -6.72
CA SER C 188 -9.57 -6.71 -8.19
C SER C 188 -10.87 -7.19 -8.86
N ASP C 189 -11.39 -8.33 -8.43
CA ASP C 189 -12.51 -9.01 -9.12
C ASP C 189 -13.75 -9.32 -8.26
N ASN C 190 -13.80 -8.80 -7.03
CA ASN C 190 -14.91 -9.04 -6.09
C ASN C 190 -15.17 -10.53 -5.77
N ILE C 191 -14.11 -11.35 -5.84
CA ILE C 191 -14.19 -12.78 -5.59
C ILE C 191 -13.96 -13.03 -4.10
N PHE C 192 -14.84 -13.82 -3.49
CA PHE C 192 -14.74 -14.19 -2.08
C PHE C 192 -14.87 -15.69 -1.91
N SER C 193 -14.18 -16.21 -0.90
CA SER C 193 -14.12 -17.65 -0.64
C SER C 193 -13.69 -17.90 0.81
N ARG C 194 -13.55 -19.16 1.18
CA ARG C 194 -12.98 -19.54 2.48
C ARG C 194 -11.49 -19.14 2.58
N GLN C 195 -10.81 -19.04 1.45
CA GLN C 195 -9.40 -18.64 1.39
C GLN C 195 -9.17 -17.12 1.41
N SER C 196 -10.19 -16.33 1.06
CA SER C 196 -10.15 -14.88 1.30
C SER C 196 -10.37 -14.56 2.79
N ASP C 197 -11.09 -15.42 3.52
CA ASP C 197 -11.17 -15.31 4.99
C ASP C 197 -9.82 -15.60 5.67
N VAL C 198 -9.06 -16.53 5.11
CA VAL C 198 -7.71 -16.85 5.58
C VAL C 198 -6.76 -15.64 5.45
N TRP C 199 -6.90 -14.88 4.37
CA TRP C 199 -6.15 -13.61 4.21
C TRP C 199 -6.51 -12.67 5.34
N SER C 200 -7.81 -12.47 5.55
CA SER C 200 -8.32 -11.63 6.65
C SER C 200 -7.89 -12.11 8.05
N PHE C 201 -7.75 -13.43 8.23
CA PHE C 201 -7.22 -14.00 9.47
C PHE C 201 -5.75 -13.62 9.69
N GLY C 202 -4.98 -13.53 8.59
CA GLY C 202 -3.61 -13.01 8.62
C GLY C 202 -3.52 -11.62 9.20
N VAL C 203 -4.46 -10.75 8.81
CA VAL C 203 -4.57 -9.39 9.36
C VAL C 203 -5.03 -9.41 10.82
N VAL C 204 -5.93 -10.35 11.16
CA VAL C 204 -6.38 -10.52 12.55
C VAL C 204 -5.23 -10.94 13.47
N LEU C 205 -4.36 -11.83 12.98
CA LEU C 205 -3.11 -12.16 13.67
C LEU C 205 -2.22 -10.93 13.84
N TYR C 206 -2.14 -10.10 12.81
CA TYR C 206 -1.38 -8.85 12.87
C TYR C 206 -1.96 -7.91 13.95
N GLU C 207 -3.29 -7.73 13.93
CA GLU C 207 -4.00 -6.95 14.96
C GLU C 207 -3.72 -7.44 16.38
N LEU C 208 -3.80 -8.76 16.57
CA LEU C 208 -3.60 -9.38 17.90
C LEU C 208 -2.21 -9.07 18.49
N PHE C 209 -1.17 -9.27 17.68
CA PHE C 209 0.21 -9.07 18.16
C PHE C 209 0.71 -7.62 18.10
N THR C 210 -0.12 -6.71 17.57
CA THR C 210 0.05 -5.26 17.76
C THR C 210 -0.82 -4.70 18.90
N TYR C 211 -1.58 -5.59 19.57
CA TYR C 211 -2.54 -5.21 20.63
C TYR C 211 -3.59 -4.18 20.16
N CYS C 212 -3.92 -4.24 18.87
CA CYS C 212 -4.73 -3.22 18.19
C CYS C 212 -4.29 -1.76 18.45
N ASP C 213 -2.97 -1.55 18.47
CA ASP C 213 -2.42 -0.21 18.62
C ASP C 213 -2.72 0.57 17.34
N LYS C 214 -3.42 1.69 17.50
CA LYS C 214 -3.90 2.47 16.36
C LYS C 214 -2.80 3.16 15.53
N SER C 215 -1.62 3.35 16.12
CA SER C 215 -0.49 3.97 15.41
C SER C 215 0.04 3.09 14.27
N CYS C 216 0.11 1.77 14.50
CA CYS C 216 0.54 0.81 13.48
C CYS C 216 -0.58 -0.19 13.10
N SER C 217 -1.79 0.32 12.92
CA SER C 217 -2.94 -0.48 12.46
C SER C 217 -2.83 -0.77 10.95
N PRO C 218 -3.63 -1.74 10.42
CA PRO C 218 -3.60 -2.04 8.98
C PRO C 218 -3.81 -0.82 8.08
N SER C 219 -4.78 0.04 8.42
CA SER C 219 -5.01 1.27 7.66
C SER C 219 -3.80 2.20 7.72
N ALA C 220 -3.38 2.52 8.95
CA ALA C 220 -2.23 3.41 9.18
C ALA C 220 -0.95 2.98 8.44
N GLU C 221 -0.70 1.68 8.40
CA GLU C 221 0.49 1.13 7.73
C GLU C 221 0.35 1.11 6.20
N PHE C 222 -0.79 0.62 5.72
CA PHE C 222 -1.05 0.57 4.25
C PHE C 222 -1.17 1.97 3.66
N LEU C 223 -1.89 2.86 4.33
CA LEU C 223 -2.02 4.27 3.91
C LEU C 223 -0.66 4.96 3.77
N ARG C 224 0.24 4.70 4.72
CA ARG C 224 1.63 5.15 4.65
C ARG C 224 2.39 4.51 3.48
N MET C 225 2.14 3.22 3.23
CA MET C 225 2.72 2.51 2.08
C MET C 225 2.09 2.94 0.75
N MET C 226 0.84 3.43 0.78
CA MET C 226 0.14 3.94 -0.40
C MET C 226 0.50 5.40 -0.72
N GLY C 227 1.06 6.12 0.26
CA GLY C 227 1.60 7.47 0.08
C GLY C 227 0.84 8.58 0.78
N SER C 228 0.31 8.29 1.98
CA SER C 228 -0.47 9.28 2.75
C SER C 228 0.36 10.40 3.39
N GLU C 229 1.67 10.21 3.51
CA GLU C 229 2.54 11.25 4.08
C GLU C 229 2.64 12.49 3.18
N ARG C 230 2.38 12.35 1.87
CA ARG C 230 2.44 13.47 0.90
C ARG C 230 1.12 13.82 0.19
N ASP C 231 0.17 12.89 0.08
CA ASP C 231 -1.14 13.14 -0.59
C ASP C 231 -2.17 12.07 -0.24
N VAL C 232 -3.45 12.35 -0.50
CA VAL C 232 -4.51 11.33 -0.36
C VAL C 232 -4.32 10.22 -1.42
N PRO C 233 -4.07 8.96 -0.98
CA PRO C 233 -3.82 7.91 -1.97
C PRO C 233 -5.08 7.43 -2.70
N ALA C 234 -4.93 7.10 -3.98
CA ALA C 234 -6.00 6.46 -4.76
C ALA C 234 -6.21 5.02 -4.26
N LEU C 235 -7.43 4.51 -4.39
CA LEU C 235 -7.79 3.17 -3.89
C LEU C 235 -7.07 2.01 -4.60
N SER C 236 -6.71 2.23 -5.87
CA SER C 236 -5.97 1.22 -6.66
C SER C 236 -4.54 0.94 -6.15
N ARG C 237 -3.96 1.87 -5.38
CA ARG C 237 -2.61 1.71 -4.82
C ARG C 237 -2.47 0.53 -3.84
N LEU C 238 -3.55 0.19 -3.13
CA LEU C 238 -3.56 -0.97 -2.21
C LEU C 238 -3.36 -2.27 -2.99
N LEU C 239 -4.20 -2.48 -4.01
CA LEU C 239 -4.08 -3.64 -4.90
C LEU C 239 -2.70 -3.73 -5.59
N GLU C 240 -2.19 -2.58 -6.05
CA GLU C 240 -0.91 -2.51 -6.77
C GLU C 240 0.29 -2.95 -5.93
N LEU C 241 0.38 -2.46 -4.69
CA LEU C 241 1.49 -2.80 -3.79
C LEU C 241 1.44 -4.25 -3.28
N LEU C 242 0.22 -4.77 -3.09
CA LEU C 242 0.03 -6.18 -2.69
C LEU C 242 0.41 -7.15 -3.82
N GLU C 243 0.03 -6.82 -5.06
CA GLU C 243 0.40 -7.64 -6.22
C GLU C 243 1.90 -7.65 -6.52
N GLU C 244 2.60 -6.58 -6.11
CA GLU C 244 4.07 -6.51 -6.21
C GLU C 244 4.82 -7.21 -5.05
N GLY C 245 4.08 -7.89 -4.17
CA GLY C 245 4.68 -8.72 -3.11
C GLY C 245 4.92 -8.00 -1.78
N GLN C 246 4.55 -6.72 -1.70
CA GLN C 246 4.75 -5.93 -0.49
C GLN C 246 3.61 -6.20 0.50
N ARG C 247 3.96 -6.29 1.78
CA ARG C 247 3.03 -6.70 2.85
C ARG C 247 3.14 -5.77 4.06
N LEU C 248 2.24 -5.95 5.03
CA LEU C 248 2.36 -5.27 6.33
C LEU C 248 3.62 -5.77 7.04
N PRO C 249 4.30 -4.89 7.80
CA PRO C 249 5.55 -5.29 8.45
C PRO C 249 5.34 -6.21 9.65
N ALA C 250 6.45 -6.68 10.23
CA ALA C 250 6.38 -7.44 11.48
C ALA C 250 6.02 -6.49 12.62
N PRO C 251 5.10 -6.89 13.52
CA PRO C 251 4.84 -6.05 14.70
C PRO C 251 6.05 -5.93 15.64
N PRO C 252 6.07 -4.90 16.52
CA PRO C 252 7.21 -4.78 17.45
C PRO C 252 7.30 -5.93 18.45
N ALA C 253 8.45 -6.61 18.47
CA ALA C 253 8.69 -7.78 19.33
C ALA C 253 7.71 -8.94 19.06
N CYS C 254 7.31 -9.10 17.81
CA CYS C 254 6.45 -10.22 17.39
C CYS C 254 7.31 -11.48 17.27
N PRO C 255 6.83 -12.62 17.82
CA PRO C 255 7.51 -13.90 17.60
C PRO C 255 7.65 -14.23 16.11
N ALA C 256 8.86 -14.62 15.70
CA ALA C 256 9.20 -14.84 14.28
C ALA C 256 8.30 -15.88 13.61
N GLU C 257 8.04 -16.99 14.30
CA GLU C 257 7.21 -18.07 13.76
C GLU C 257 5.73 -17.69 13.58
N VAL C 258 5.25 -16.73 14.37
CA VAL C 258 3.90 -16.17 14.20
C VAL C 258 3.84 -15.27 12.96
N HIS C 259 4.89 -14.48 12.74
CA HIS C 259 4.99 -13.63 11.55
C HIS C 259 5.05 -14.42 10.25
N GLU C 260 5.63 -15.61 10.30
CA GLU C 260 5.67 -16.51 9.14
C GLU C 260 4.29 -17.04 8.75
N LEU C 261 3.46 -17.36 9.75
CA LEU C 261 2.08 -17.82 9.51
C LEU C 261 1.22 -16.73 8.86
N MET C 262 1.40 -15.47 9.29
CA MET C 262 0.75 -14.32 8.64
C MET C 262 1.11 -14.24 7.15
N LYS C 263 2.38 -14.44 6.83
CA LYS C 263 2.86 -14.41 5.44
C LYS C 263 2.29 -15.58 4.62
N LEU C 264 2.16 -16.76 5.24
CA LEU C 264 1.50 -17.91 4.58
C LEU C 264 0.02 -17.63 4.31
N CYS C 265 -0.64 -16.98 5.27
CA CYS C 265 -2.02 -16.50 5.10
C CYS C 265 -2.15 -15.47 3.97
N TRP C 266 -1.09 -14.69 3.73
CA TRP C 266 -1.05 -13.67 2.68
C TRP C 266 -0.37 -14.10 1.39
N ALA C 267 -0.45 -15.39 1.04
CA ALA C 267 0.08 -15.88 -0.23
C ALA C 267 -0.72 -15.27 -1.40
N PRO C 268 -0.04 -14.89 -2.51
CA PRO C 268 -0.73 -14.25 -3.65
C PRO C 268 -1.95 -15.00 -4.18
N SER C 269 -1.77 -16.29 -4.47
CA SER C 269 -2.86 -17.14 -4.99
C SER C 269 -3.64 -17.77 -3.80
N PRO C 270 -5.00 -17.83 -3.89
CA PRO C 270 -5.82 -18.52 -2.87
C PRO C 270 -5.47 -19.99 -2.59
N GLN C 271 -5.09 -20.72 -3.64
CA GLN C 271 -4.73 -22.14 -3.53
C GLN C 271 -3.47 -22.40 -2.68
N ASP C 272 -2.52 -21.45 -2.74
CA ASP C 272 -1.28 -21.55 -1.95
C ASP C 272 -1.45 -21.23 -0.47
N ARG C 273 -2.54 -20.55 -0.10
CA ARG C 273 -2.83 -20.24 1.30
C ARG C 273 -3.23 -21.50 2.06
N PRO C 274 -2.84 -21.60 3.36
CA PRO C 274 -3.22 -22.76 4.15
C PRO C 274 -4.69 -22.68 4.56
N SER C 275 -5.36 -23.82 4.59
CA SER C 275 -6.72 -23.89 5.13
C SER C 275 -6.68 -23.67 6.64
N PHE C 276 -7.83 -23.32 7.21
CA PHE C 276 -7.96 -23.18 8.67
C PHE C 276 -7.71 -24.48 9.44
N SER C 277 -8.00 -25.62 8.81
CA SER C 277 -7.71 -26.94 9.40
C SER C 277 -6.22 -27.22 9.48
N ALA C 278 -5.46 -26.71 8.49
CA ALA C 278 -4.00 -26.77 8.51
C ALA C 278 -3.40 -25.73 9.48
N LEU C 279 -3.97 -24.53 9.50
CA LEU C 279 -3.49 -23.45 10.39
C LEU C 279 -3.62 -23.76 11.87
N GLY C 280 -4.70 -24.45 12.24
CA GLY C 280 -5.03 -24.74 13.64
C GLY C 280 -3.90 -25.38 14.43
N PRO C 281 -3.41 -26.56 14.00
CA PRO C 281 -2.27 -27.19 14.65
C PRO C 281 -0.97 -26.37 14.60
N GLN C 282 -0.74 -25.66 13.49
CA GLN C 282 0.44 -24.79 13.36
C GLN C 282 0.48 -23.70 14.45
N LEU C 283 -0.68 -23.10 14.72
CA LEU C 283 -0.82 -22.13 15.83
C LEU C 283 -0.67 -22.76 17.22
N ASP C 284 -1.36 -23.87 17.45
CA ASP C 284 -1.39 -24.53 18.78
C ASP C 284 -0.05 -25.12 19.19
N MET C 285 0.64 -25.74 18.25
CA MET C 285 1.93 -26.40 18.51
C MET C 285 3.15 -25.45 18.56
N LEU C 286 2.94 -24.14 18.40
CA LEU C 286 3.98 -23.14 18.67
C LEU C 286 4.30 -23.09 20.17
N TRP C 287 5.59 -23.15 20.51
CA TRP C 287 6.09 -23.07 21.88
C TRP C 287 5.61 -24.22 22.74
N SER C 288 6.12 -25.42 22.45
CA SER C 288 5.80 -26.62 23.23
C SER C 288 6.81 -27.73 22.99
N PRO D 2 27.00 -31.07 -26.21
CA PRO D 2 27.02 -29.95 -27.15
C PRO D 2 28.11 -28.91 -26.85
N THR D 3 28.26 -28.54 -25.57
CA THR D 3 29.27 -27.55 -25.14
C THR D 3 30.68 -28.14 -24.90
N ILE D 4 30.83 -29.47 -25.02
CA ILE D 4 32.14 -30.14 -24.92
C ILE D 4 32.61 -30.59 -26.31
N PHE D 5 33.63 -29.92 -26.84
CA PHE D 5 34.16 -30.17 -28.17
C PHE D 5 35.44 -31.01 -28.09
N GLU D 6 35.42 -32.20 -28.70
CA GLU D 6 36.57 -33.11 -28.65
C GLU D 6 37.68 -32.67 -29.61
N GLU D 7 38.92 -32.65 -29.10
CA GLU D 7 40.08 -32.08 -29.81
C GLU D 7 40.40 -32.77 -31.13
N ARG D 8 40.24 -34.10 -31.18
CA ARG D 8 40.49 -34.86 -32.41
C ARG D 8 39.48 -34.57 -33.54
N HIS D 9 38.29 -34.09 -33.18
CA HIS D 9 37.25 -33.71 -34.15
C HIS D 9 37.37 -32.29 -34.66
N LEU D 10 38.27 -31.49 -34.06
CA LEU D 10 38.50 -30.11 -34.51
C LEU D 10 39.61 -30.08 -35.56
N LYS D 11 39.22 -30.09 -36.83
CA LYS D 11 40.17 -30.05 -37.95
C LYS D 11 40.59 -28.61 -38.23
N TYR D 12 41.88 -28.32 -38.02
CA TYR D 12 42.45 -26.99 -38.31
C TYR D 12 42.40 -26.66 -39.81
N ILE D 13 41.96 -25.43 -40.11
CA ILE D 13 41.89 -24.91 -41.49
C ILE D 13 42.94 -23.83 -41.69
N SER D 14 42.84 -22.75 -40.91
CA SER D 14 43.73 -21.59 -41.07
C SER D 14 43.71 -20.67 -39.83
N GLN D 15 44.65 -19.73 -39.79
CA GLN D 15 44.73 -18.74 -38.72
C GLN D 15 43.76 -17.60 -39.01
N LEU D 16 42.97 -17.21 -38.00
CA LEU D 16 42.05 -16.07 -38.12
C LEU D 16 42.74 -14.77 -37.69
N GLY D 17 43.15 -14.71 -36.43
CA GLY D 17 43.82 -13.53 -35.89
C GLY D 17 44.13 -13.63 -34.40
N LYS D 18 44.43 -12.48 -33.78
CA LYS D 18 44.82 -12.42 -32.37
C LYS D 18 44.11 -11.26 -31.66
N GLY D 19 43.35 -11.58 -30.61
CA GLY D 19 42.77 -10.57 -29.72
C GLY D 19 43.81 -9.98 -28.78
N ASN D 20 43.35 -9.49 -27.62
CA ASN D 20 44.24 -8.88 -26.62
C ASN D 20 45.29 -9.85 -26.08
N PHE D 21 44.88 -11.10 -25.86
CA PHE D 21 45.81 -12.21 -25.58
C PHE D 21 45.40 -13.47 -26.33
N GLY D 22 46.35 -14.40 -26.46
CA GLY D 22 46.13 -15.65 -27.17
C GLY D 22 46.04 -15.50 -28.68
N SER D 23 45.48 -16.51 -29.34
CA SER D 23 45.30 -16.51 -30.80
C SER D 23 44.08 -17.34 -31.20
N VAL D 24 43.44 -16.96 -32.31
CA VAL D 24 42.21 -17.58 -32.79
C VAL D 24 42.45 -18.28 -34.12
N GLU D 25 41.89 -19.49 -34.26
CA GLU D 25 42.04 -20.31 -35.47
C GLU D 25 40.68 -20.65 -36.07
N LEU D 26 40.62 -20.73 -37.41
CA LEU D 26 39.45 -21.27 -38.11
C LEU D 26 39.57 -22.79 -38.11
N CYS D 27 38.51 -23.47 -37.67
CA CYS D 27 38.46 -24.93 -37.60
C CYS D 27 37.09 -25.46 -38.07
N ARG D 28 37.08 -26.68 -38.59
CA ARG D 28 35.84 -27.40 -38.87
C ARG D 28 35.64 -28.48 -37.80
N TYR D 29 34.58 -28.36 -37.00
CA TYR D 29 34.24 -29.39 -36.01
C TYR D 29 33.52 -30.53 -36.73
N ASP D 30 34.24 -31.64 -36.92
CA ASP D 30 33.80 -32.72 -37.81
C ASP D 30 33.82 -34.08 -37.08
N PRO D 31 32.86 -34.32 -36.17
CA PRO D 31 32.82 -35.59 -35.44
C PRO D 31 32.47 -36.83 -36.29
N LEU D 32 31.74 -36.63 -37.39
CA LEU D 32 31.48 -37.70 -38.36
C LEU D 32 32.73 -38.11 -39.16
N GLY D 33 33.66 -37.17 -39.36
CA GLY D 33 34.91 -37.44 -40.06
C GLY D 33 34.77 -37.54 -41.58
N ASP D 34 33.96 -36.64 -42.15
CA ASP D 34 33.72 -36.59 -43.61
C ASP D 34 33.59 -35.15 -44.15
N ASN D 35 34.23 -34.19 -43.47
CA ASN D 35 34.20 -32.76 -43.81
C ASN D 35 32.80 -32.10 -43.99
N THR D 36 31.78 -32.68 -43.34
CA THR D 36 30.40 -32.17 -43.40
C THR D 36 30.05 -31.25 -42.22
N GLY D 37 30.91 -31.21 -41.21
CA GLY D 37 30.66 -30.45 -39.98
C GLY D 37 30.77 -28.96 -40.12
N ALA D 38 30.33 -28.25 -39.08
CA ALA D 38 30.28 -26.78 -39.08
C ALA D 38 31.65 -26.15 -38.86
N LEU D 39 31.82 -24.94 -39.42
CA LEU D 39 33.03 -24.14 -39.20
C LEU D 39 32.89 -23.35 -37.90
N VAL D 40 33.99 -23.29 -37.13
CA VAL D 40 34.02 -22.54 -35.87
C VAL D 40 35.32 -21.75 -35.70
N ALA D 41 35.27 -20.74 -34.84
CA ALA D 41 36.44 -19.97 -34.42
C ALA D 41 36.85 -20.44 -33.04
N VAL D 42 38.08 -20.92 -32.91
CA VAL D 42 38.59 -21.53 -31.67
C VAL D 42 39.79 -20.73 -31.15
N LYS D 43 39.70 -20.25 -29.91
CA LYS D 43 40.78 -19.46 -29.27
C LYS D 43 41.65 -20.32 -28.33
N GLN D 44 42.96 -20.09 -28.38
CA GLN D 44 43.93 -20.75 -27.47
C GLN D 44 44.94 -19.74 -26.94
N LEU D 45 45.64 -20.12 -25.86
CA LEU D 45 46.71 -19.31 -25.27
C LEU D 45 48.08 -19.78 -25.76
N GLN D 46 48.79 -18.92 -26.51
CA GLN D 46 50.09 -19.25 -27.08
C GLN D 46 51.22 -19.07 -26.05
N HIS D 47 51.33 -20.05 -25.14
CA HIS D 47 52.35 -20.05 -24.07
C HIS D 47 52.34 -18.80 -23.23
N SER D 48 51.15 -18.35 -22.86
CA SER D 48 50.97 -17.12 -22.08
C SER D 48 51.29 -17.35 -20.61
N GLY D 49 51.39 -16.26 -19.85
CA GLY D 49 51.68 -16.31 -18.42
C GLY D 49 50.47 -16.68 -17.58
N PRO D 50 50.63 -16.73 -16.24
CA PRO D 50 49.51 -16.99 -15.32
C PRO D 50 48.38 -15.95 -15.37
N ASP D 51 48.75 -14.67 -15.54
CA ASP D 51 47.78 -13.57 -15.61
C ASP D 51 46.78 -13.72 -16.75
N GLN D 52 47.26 -14.17 -17.91
CA GLN D 52 46.41 -14.36 -19.09
C GLN D 52 45.53 -15.62 -18.95
N GLN D 53 46.07 -16.65 -18.30
CA GLN D 53 45.32 -17.90 -18.03
C GLN D 53 44.08 -17.66 -17.15
N ARG D 54 44.23 -16.85 -16.11
CA ARG D 54 43.10 -16.48 -15.24
C ARG D 54 42.06 -15.60 -15.96
N ASP D 55 42.52 -14.67 -16.80
CA ASP D 55 41.63 -13.86 -17.65
C ASP D 55 40.86 -14.72 -18.66
N PHE D 56 41.54 -15.73 -19.19
CA PHE D 56 40.94 -16.65 -20.16
C PHE D 56 39.82 -17.49 -19.52
N GLN D 57 40.06 -17.96 -18.28
CA GLN D 57 39.02 -18.63 -17.48
C GLN D 57 37.79 -17.74 -17.21
N ARG D 58 38.04 -16.45 -17.00
CA ARG D 58 36.98 -15.47 -16.75
C ARG D 58 36.17 -15.17 -18.02
N GLU D 59 36.89 -14.93 -19.12
CA GLU D 59 36.29 -14.72 -20.45
C GLU D 59 35.32 -15.82 -20.85
N ILE D 60 35.70 -17.06 -20.59
CA ILE D 60 34.89 -18.23 -20.97
C ILE D 60 33.55 -18.23 -20.22
N GLN D 61 33.59 -17.99 -18.90
CA GLN D 61 32.37 -17.94 -18.08
C GLN D 61 31.49 -16.72 -18.39
N ILE D 62 32.12 -15.56 -18.67
CA ILE D 62 31.38 -14.36 -19.03
C ILE D 62 30.67 -14.54 -20.38
N LEU D 63 31.43 -14.96 -21.41
CA LEU D 63 30.89 -15.12 -22.77
C LEU D 63 29.82 -16.20 -22.83
N LYS D 64 30.03 -17.29 -22.09
CA LYS D 64 29.03 -18.36 -21.92
C LYS D 64 27.66 -17.84 -21.45
N ALA D 65 27.68 -16.88 -20.52
CA ALA D 65 26.47 -16.35 -19.90
C ALA D 65 25.72 -15.28 -20.74
N LEU D 66 26.44 -14.56 -21.60
CA LEU D 66 25.84 -13.51 -22.42
C LEU D 66 24.99 -14.10 -23.57
N HIS D 67 23.82 -13.51 -23.80
CA HIS D 67 22.92 -13.92 -24.88
C HIS D 67 22.32 -12.72 -25.54
N SER D 68 22.98 -12.25 -26.61
CA SER D 68 22.52 -11.13 -27.42
C SER D 68 22.82 -11.40 -28.90
N ASP D 69 21.96 -10.91 -29.78
CA ASP D 69 22.20 -10.98 -31.23
C ASP D 69 23.42 -10.19 -31.70
N PHE D 70 23.84 -9.19 -30.92
CA PHE D 70 24.98 -8.32 -31.25
C PHE D 70 26.21 -8.55 -30.35
N ILE D 71 26.30 -9.76 -29.81
CA ILE D 71 27.46 -10.24 -29.04
C ILE D 71 27.82 -11.63 -29.58
N VAL D 72 29.12 -11.88 -29.78
CA VAL D 72 29.58 -13.12 -30.40
C VAL D 72 29.24 -14.37 -29.54
N LYS D 73 28.63 -15.38 -30.16
CA LYS D 73 28.11 -16.55 -29.44
C LYS D 73 29.19 -17.55 -29.02
N TYR D 74 29.29 -17.76 -27.71
CA TYR D 74 29.98 -18.92 -27.13
C TYR D 74 29.34 -20.20 -27.69
N ARG D 75 30.19 -21.13 -28.15
CA ARG D 75 29.75 -22.44 -28.64
C ARG D 75 30.08 -23.55 -27.64
N GLY D 76 31.30 -23.54 -27.12
CA GLY D 76 31.72 -24.53 -26.12
C GLY D 76 33.20 -24.47 -25.77
N VAL D 77 33.72 -25.56 -25.21
CA VAL D 77 35.14 -25.66 -24.86
C VAL D 77 35.75 -26.98 -25.31
N SER D 78 37.08 -27.00 -25.40
CA SER D 78 37.86 -28.20 -25.70
C SER D 78 39.02 -28.30 -24.71
N TYR D 79 39.02 -29.37 -23.91
CA TYR D 79 40.02 -29.57 -22.84
C TYR D 79 41.28 -30.26 -23.36
N GLY D 80 42.31 -30.27 -22.52
CA GLY D 80 43.59 -30.93 -22.82
C GLY D 80 44.14 -31.69 -21.61
N SER D 85 45.65 -28.26 -24.22
CA SER D 85 45.12 -27.49 -23.09
C SER D 85 43.74 -26.90 -23.41
N LEU D 86 43.24 -26.01 -22.54
CA LEU D 86 41.91 -25.42 -22.69
C LEU D 86 41.81 -24.50 -23.91
N ARG D 87 40.72 -24.65 -24.67
CA ARG D 87 40.44 -23.82 -25.84
C ARG D 87 38.97 -23.36 -25.86
N LEU D 88 38.74 -22.11 -26.27
CA LEU D 88 37.41 -21.48 -26.28
C LEU D 88 36.83 -21.55 -27.69
N VAL D 89 35.75 -22.30 -27.86
CA VAL D 89 35.08 -22.46 -29.17
C VAL D 89 33.95 -21.43 -29.31
N MET D 90 34.02 -20.62 -30.37
CA MET D 90 33.03 -19.58 -30.68
C MET D 90 32.48 -19.76 -32.08
N GLU D 91 31.38 -19.07 -32.38
CA GLU D 91 30.85 -19.00 -33.74
C GLU D 91 31.81 -18.24 -34.67
N TYR D 92 31.74 -18.57 -35.96
CA TYR D 92 32.60 -17.98 -36.99
C TYR D 92 31.81 -17.01 -37.87
N LEU D 93 32.13 -15.72 -37.77
CA LEU D 93 31.53 -14.69 -38.63
C LEU D 93 32.46 -14.47 -39.83
N PRO D 94 32.02 -14.88 -41.04
CA PRO D 94 32.96 -15.02 -42.17
C PRO D 94 33.51 -13.74 -42.82
N SER D 95 32.93 -12.56 -42.52
CA SER D 95 33.39 -11.30 -43.13
C SER D 95 34.49 -10.56 -42.33
N GLY D 96 35.06 -11.20 -41.31
CA GLY D 96 36.17 -10.64 -40.55
C GLY D 96 35.73 -9.59 -39.54
N CYS D 97 36.66 -8.72 -39.14
CA CYS D 97 36.37 -7.63 -38.20
C CYS D 97 35.99 -6.35 -38.94
N LEU D 98 35.27 -5.48 -38.22
CA LEU D 98 34.69 -4.25 -38.79
C LEU D 98 35.73 -3.23 -39.25
N ARG D 99 36.89 -3.21 -38.60
CA ARG D 99 37.97 -2.27 -38.93
C ARG D 99 38.46 -2.45 -40.37
N ASP D 100 38.77 -3.69 -40.75
CA ASP D 100 39.20 -4.02 -42.10
C ASP D 100 38.04 -3.89 -43.11
N PHE D 101 36.86 -4.30 -42.68
CA PHE D 101 35.61 -4.19 -43.46
C PHE D 101 35.33 -2.74 -43.91
N LEU D 102 35.44 -1.79 -42.99
CA LEU D 102 35.19 -0.37 -43.32
C LEU D 102 36.22 0.21 -44.31
N GLN D 103 37.49 -0.18 -44.15
CA GLN D 103 38.56 0.23 -45.08
C GLN D 103 38.39 -0.41 -46.47
N ARG D 104 37.97 -1.68 -46.49
CA ARG D 104 37.76 -2.41 -47.75
C ARG D 104 36.52 -1.93 -48.49
N HIS D 105 35.43 -1.70 -47.75
CA HIS D 105 34.13 -1.29 -48.32
C HIS D 105 33.85 0.21 -48.27
N ARG D 106 34.89 1.04 -48.15
CA ARG D 106 34.72 2.49 -47.97
C ARG D 106 33.90 3.18 -49.06
N ALA D 107 34.09 2.77 -50.32
CA ALA D 107 33.37 3.35 -51.46
C ALA D 107 31.89 2.92 -51.52
N ARG D 108 31.58 1.73 -51.00
CA ARG D 108 30.21 1.17 -51.07
C ARG D 108 29.29 1.69 -49.98
N LEU D 109 29.76 1.64 -48.73
CA LEU D 109 28.90 1.90 -47.57
C LEU D 109 28.64 3.39 -47.36
N ASP D 110 27.35 3.76 -47.36
CA ASP D 110 26.92 5.13 -47.06
C ASP D 110 26.70 5.32 -45.54
N ALA D 111 26.28 6.52 -45.15
CA ALA D 111 26.08 6.86 -43.74
C ALA D 111 24.98 6.04 -43.02
N SER D 112 24.00 5.55 -43.78
CA SER D 112 22.93 4.72 -43.22
C SER D 112 23.45 3.41 -42.64
N ARG D 113 24.40 2.77 -43.33
CA ARG D 113 25.04 1.54 -42.85
C ARG D 113 25.92 1.76 -41.62
N LEU D 114 26.70 2.85 -41.61
CA LEU D 114 27.49 3.23 -40.44
C LEU D 114 26.61 3.46 -39.21
N LEU D 115 25.44 4.07 -39.44
CA LEU D 115 24.43 4.31 -38.40
C LEU D 115 23.81 3.01 -37.89
N LEU D 116 23.57 2.05 -38.79
CA LEU D 116 23.12 0.71 -38.41
C LEU D 116 24.13 0.01 -37.51
N TYR D 117 25.42 0.13 -37.82
CA TYR D 117 26.49 -0.47 -37.00
C TYR D 117 26.57 0.20 -35.62
N SER D 118 26.37 1.52 -35.59
CA SER D 118 26.29 2.28 -34.34
C SER D 118 25.12 1.83 -33.45
N SER D 119 23.96 1.58 -34.06
CA SER D 119 22.75 1.15 -33.36
C SER D 119 22.88 -0.26 -32.79
N GLN D 120 23.35 -1.20 -33.61
CA GLN D 120 23.54 -2.60 -33.21
C GLN D 120 24.59 -2.78 -32.11
N ILE D 121 25.70 -2.04 -32.21
CA ILE D 121 26.72 -2.02 -31.16
C ILE D 121 26.15 -1.45 -29.86
N CYS D 122 25.42 -0.34 -29.98
CA CYS D 122 24.76 0.31 -28.83
C CYS D 122 23.75 -0.60 -28.11
N LYS D 123 22.99 -1.38 -28.88
CA LYS D 123 22.08 -2.39 -28.32
C LYS D 123 22.82 -3.48 -27.56
N GLY D 124 23.95 -3.94 -28.12
CA GLY D 124 24.80 -4.94 -27.49
C GLY D 124 25.41 -4.47 -26.18
N MET D 125 25.91 -3.24 -26.18
CA MET D 125 26.47 -2.63 -24.96
C MET D 125 25.40 -2.33 -23.91
N GLU D 126 24.17 -2.04 -24.34
CA GLU D 126 23.06 -1.82 -23.41
C GLU D 126 22.74 -3.12 -22.66
N TYR D 127 22.62 -4.21 -23.42
CA TYR D 127 22.50 -5.55 -22.85
C TYR D 127 23.68 -5.88 -21.93
N LEU D 128 24.90 -5.56 -22.38
CA LEU D 128 26.12 -5.84 -21.60
C LEU D 128 26.12 -5.10 -20.26
N GLY D 129 25.66 -3.86 -20.26
CA GLY D 129 25.45 -3.09 -19.03
C GLY D 129 24.40 -3.66 -18.09
N SER D 130 23.34 -4.24 -18.66
CA SER D 130 22.26 -4.87 -17.86
C SER D 130 22.71 -6.17 -17.18
N ARG D 131 23.74 -6.80 -17.71
CA ARG D 131 24.41 -7.95 -17.06
C ARG D 131 25.60 -7.51 -16.18
N ARG D 132 25.66 -6.21 -15.84
CA ARG D 132 26.71 -5.64 -14.98
C ARG D 132 28.14 -5.98 -15.43
N CYS D 133 28.33 -5.99 -16.75
CA CYS D 133 29.60 -6.35 -17.36
C CYS D 133 30.24 -5.14 -18.06
N VAL D 134 31.54 -4.94 -17.83
CA VAL D 134 32.34 -3.93 -18.54
C VAL D 134 33.28 -4.63 -19.51
N HIS D 135 33.28 -4.18 -20.77
CA HIS D 135 34.09 -4.77 -21.84
C HIS D 135 35.56 -4.46 -21.67
N ARG D 136 35.87 -3.18 -21.41
CA ARG D 136 37.23 -2.65 -21.18
C ARG D 136 38.11 -2.40 -22.42
N ASP D 137 37.71 -2.92 -23.58
CA ASP D 137 38.45 -2.71 -24.84
C ASP D 137 37.49 -2.72 -26.04
N LEU D 138 36.42 -1.94 -25.95
CA LEU D 138 35.47 -1.77 -27.04
C LEU D 138 36.14 -0.95 -28.15
N ALA D 139 36.28 -1.56 -29.32
CA ALA D 139 36.89 -0.90 -30.49
C ALA D 139 36.53 -1.67 -31.76
N ALA D 140 36.60 -0.97 -32.91
CA ALA D 140 36.20 -1.53 -34.22
C ALA D 140 36.95 -2.80 -34.63
N ARG D 141 38.21 -2.92 -34.18
CA ARG D 141 38.99 -4.16 -34.36
C ARG D 141 38.38 -5.35 -33.62
N ASN D 142 37.69 -5.08 -32.51
CA ASN D 142 36.99 -6.08 -31.70
C ASN D 142 35.51 -6.25 -32.01
N ILE D 143 35.01 -5.54 -33.02
CA ILE D 143 33.67 -5.78 -33.58
C ILE D 143 33.83 -6.70 -34.78
N LEU D 144 32.99 -7.74 -34.86
CA LEU D 144 33.00 -8.69 -35.98
C LEU D 144 31.85 -8.39 -36.94
N VAL D 145 31.99 -8.87 -38.18
CA VAL D 145 31.01 -8.65 -39.24
C VAL D 145 30.40 -9.98 -39.68
N GLU D 146 29.10 -10.14 -39.45
CA GLU D 146 28.34 -11.30 -39.95
C GLU D 146 28.02 -11.07 -41.43
N SER D 147 27.50 -9.88 -41.73
CA SER D 147 27.27 -9.41 -43.09
C SER D 147 27.16 -7.89 -43.11
N GLU D 148 26.89 -7.31 -44.27
CA GLU D 148 26.67 -5.85 -44.41
C GLU D 148 25.54 -5.32 -43.51
N ALA D 149 24.58 -6.18 -43.18
CA ALA D 149 23.42 -5.80 -42.33
C ALA D 149 23.53 -6.18 -40.85
N HIS D 150 24.65 -6.77 -40.41
CA HIS D 150 24.75 -7.35 -39.06
C HIS D 150 26.18 -7.42 -38.56
N VAL D 151 26.44 -6.78 -37.41
CA VAL D 151 27.73 -6.88 -36.69
C VAL D 151 27.54 -7.31 -35.22
N LYS D 152 28.58 -7.91 -34.62
CA LYS D 152 28.54 -8.32 -33.20
C LYS D 152 29.84 -7.96 -32.44
N ILE D 153 29.71 -7.63 -31.16
CA ILE D 153 30.86 -7.31 -30.30
C ILE D 153 31.60 -8.60 -29.93
N ALA D 154 32.94 -8.54 -29.99
CA ALA D 154 33.79 -9.71 -29.76
C ALA D 154 34.97 -9.37 -28.84
N ASP D 155 35.75 -10.42 -28.52
CA ASP D 155 36.95 -10.33 -27.66
C ASP D 155 36.66 -9.80 -26.25
N PHE D 156 36.18 -10.70 -25.40
CA PHE D 156 35.86 -10.39 -24.00
C PHE D 156 36.97 -10.86 -23.04
N GLY D 157 38.21 -10.92 -23.53
CA GLY D 157 39.36 -11.35 -22.73
C GLY D 157 39.67 -10.44 -21.56
N LEU D 158 39.60 -9.13 -21.80
CA LEU D 158 39.78 -8.11 -20.75
C LEU D 158 38.48 -7.72 -20.03
N ALA D 159 37.36 -8.38 -20.36
CA ALA D 159 36.06 -8.03 -19.78
C ALA D 159 35.96 -8.44 -18.32
N LYS D 160 35.26 -7.62 -17.53
CA LYS D 160 35.08 -7.85 -16.09
C LYS D 160 33.62 -7.62 -15.69
N LEU D 161 33.18 -8.36 -14.68
CA LEU D 161 31.90 -8.11 -14.02
C LEU D 161 32.15 -7.13 -12.88
N LEU D 162 31.24 -6.17 -12.72
CA LEU D 162 31.33 -5.21 -11.62
C LEU D 162 31.19 -5.94 -10.29
N PRO D 163 31.75 -5.38 -9.20
CA PRO D 163 31.48 -5.98 -7.90
C PRO D 163 29.99 -5.79 -7.55
N LEU D 164 29.45 -6.68 -6.73
CA LEU D 164 28.03 -6.62 -6.37
C LEU D 164 27.63 -5.32 -5.66
N ASP D 165 28.54 -4.77 -4.86
CA ASP D 165 28.30 -3.54 -4.08
C ASP D 165 28.76 -2.22 -4.74
N LYS D 166 29.33 -2.27 -5.95
CA LYS D 166 29.84 -1.07 -6.64
C LYS D 166 29.47 -1.04 -8.13
N ASP D 167 29.49 0.17 -8.70
CA ASP D 167 29.28 0.37 -10.14
C ASP D 167 30.61 0.70 -10.87
N VAL D 170 38.24 -1.57 -10.16
CA VAL D 170 39.63 -1.09 -10.16
C VAL D 170 40.56 -2.23 -10.57
N VAL D 171 41.24 -2.08 -11.71
CA VAL D 171 42.21 -3.06 -12.22
C VAL D 171 43.65 -2.61 -11.87
N ARG D 172 44.55 -3.57 -11.72
CA ARG D 172 45.98 -3.30 -11.56
C ARG D 172 46.73 -3.69 -12.84
N GLU D 173 46.56 -2.86 -13.88
CA GLU D 173 47.25 -3.04 -15.17
C GLU D 173 47.54 -1.68 -15.80
N SER D 177 45.76 -3.27 -23.35
CA SER D 177 45.19 -2.77 -24.59
C SER D 177 45.64 -1.31 -24.88
N PRO D 178 45.51 -0.87 -26.16
CA PRO D 178 45.86 0.52 -26.56
C PRO D 178 45.21 1.63 -25.73
N ILE D 179 45.99 2.67 -25.43
CA ILE D 179 45.56 3.76 -24.53
C ILE D 179 44.61 4.79 -25.15
N PHE D 180 44.46 4.80 -26.48
CA PHE D 180 43.69 5.83 -27.19
C PHE D 180 42.16 5.65 -27.12
N TRP D 181 41.72 4.52 -26.58
CA TRP D 181 40.29 4.23 -26.34
C TRP D 181 39.88 4.42 -24.88
N TYR D 182 40.82 4.80 -24.02
CA TYR D 182 40.60 4.83 -22.55
C TYR D 182 40.02 6.16 -22.09
N ALA D 183 39.14 6.10 -21.09
CA ALA D 183 38.60 7.28 -20.42
C ALA D 183 39.64 7.88 -19.47
N PRO D 184 39.53 9.19 -19.13
CA PRO D 184 40.47 9.82 -18.21
C PRO D 184 40.61 9.14 -16.85
N GLU D 185 39.49 8.67 -16.29
CA GLU D 185 39.51 7.94 -15.01
C GLU D 185 40.28 6.60 -15.09
N SER D 186 40.25 5.97 -16.26
CA SER D 186 40.98 4.73 -16.51
C SER D 186 42.48 4.95 -16.62
N LEU D 187 42.87 6.05 -17.27
CA LEU D 187 44.30 6.40 -17.42
C LEU D 187 44.95 6.83 -16.11
N SER D 188 44.23 7.63 -15.31
CA SER D 188 44.76 8.21 -14.06
C SER D 188 44.71 7.24 -12.88
N ASP D 189 43.53 6.67 -12.63
CA ASP D 189 43.26 5.87 -11.42
C ASP D 189 42.89 4.40 -11.70
N ASN D 190 42.99 3.96 -12.96
CA ASN D 190 42.66 2.59 -13.37
C ASN D 190 41.22 2.18 -13.05
N ILE D 191 40.30 3.15 -13.15
CA ILE D 191 38.89 2.95 -12.85
C ILE D 191 38.16 2.64 -14.16
N PHE D 192 37.41 1.53 -14.16
CA PHE D 192 36.63 1.11 -15.32
C PHE D 192 35.17 0.88 -14.92
N SER D 193 34.26 1.22 -15.83
CA SER D 193 32.82 1.10 -15.57
C SER D 193 32.03 1.03 -16.89
N ARG D 194 30.71 1.00 -16.78
CA ARG D 194 29.82 1.14 -17.94
C ARG D 194 29.98 2.52 -18.61
N GLN D 195 30.34 3.52 -17.81
CA GLN D 195 30.57 4.88 -18.29
C GLN D 195 31.92 5.03 -19.01
N SER D 196 32.92 4.22 -18.65
CA SER D 196 34.19 4.19 -19.39
C SER D 196 34.07 3.46 -20.72
N ASP D 197 33.20 2.46 -20.79
CA ASP D 197 32.78 1.85 -22.06
C ASP D 197 32.03 2.84 -22.96
N VAL D 198 31.23 3.73 -22.36
CA VAL D 198 30.55 4.79 -23.10
C VAL D 198 31.56 5.75 -23.76
N TRP D 199 32.64 6.09 -23.04
CA TRP D 199 33.78 6.82 -23.62
C TRP D 199 34.33 6.11 -24.83
N SER D 200 34.51 4.80 -24.72
CA SER D 200 35.04 3.97 -25.82
C SER D 200 34.09 3.88 -27.02
N PHE D 201 32.77 3.89 -26.77
CA PHE D 201 31.77 3.94 -27.84
C PHE D 201 31.90 5.21 -28.68
N GLY D 202 32.30 6.32 -28.05
CA GLY D 202 32.57 7.57 -28.75
C GLY D 202 33.70 7.45 -29.77
N VAL D 203 34.80 6.81 -29.37
CA VAL D 203 35.92 6.54 -30.28
C VAL D 203 35.52 5.57 -31.40
N VAL D 204 34.67 4.59 -31.09
CA VAL D 204 34.12 3.68 -32.11
C VAL D 204 33.27 4.44 -33.13
N LEU D 205 32.42 5.35 -32.65
CA LEU D 205 31.64 6.23 -33.54
C LEU D 205 32.57 7.07 -34.42
N TYR D 206 33.66 7.57 -33.84
CA TYR D 206 34.68 8.29 -34.60
C TYR D 206 35.28 7.42 -35.71
N GLU D 207 35.70 6.20 -35.37
CA GLU D 207 36.35 5.33 -36.36
C GLU D 207 35.37 4.71 -37.38
N LEU D 208 34.09 4.61 -37.02
CA LEU D 208 33.03 4.29 -37.99
C LEU D 208 32.90 5.36 -39.06
N PHE D 209 32.81 6.62 -38.63
CA PHE D 209 32.61 7.76 -39.55
C PHE D 209 33.90 8.31 -40.20
N THR D 210 35.05 7.68 -39.92
CA THR D 210 36.26 7.84 -40.71
C THR D 210 36.55 6.58 -41.58
N TYR D 211 35.64 5.60 -41.53
CA TYR D 211 35.82 4.29 -42.20
C TYR D 211 37.11 3.56 -41.77
N CYS D 212 37.46 3.72 -40.49
CA CYS D 212 38.74 3.25 -39.91
C CYS D 212 39.97 3.62 -40.76
N ASP D 213 40.00 4.86 -41.23
CA ASP D 213 41.11 5.38 -42.05
C ASP D 213 42.38 5.49 -41.19
N LYS D 214 43.44 4.81 -41.62
CA LYS D 214 44.71 4.77 -40.87
C LYS D 214 45.38 6.14 -40.66
N SER D 215 45.21 7.04 -41.63
CA SER D 215 45.86 8.37 -41.58
C SER D 215 45.27 9.28 -40.50
N CYS D 216 43.99 9.09 -40.16
CA CYS D 216 43.31 9.83 -39.09
C CYS D 216 42.68 8.87 -38.07
N SER D 217 43.42 7.83 -37.70
CA SER D 217 43.00 6.93 -36.63
C SER D 217 43.17 7.64 -35.27
N PRO D 218 42.53 7.13 -34.19
CA PRO D 218 42.72 7.72 -32.87
C PRO D 218 44.19 7.86 -32.43
N SER D 219 45.00 6.82 -32.69
CA SER D 219 46.42 6.84 -32.32
C SER D 219 47.18 7.91 -33.10
N ALA D 220 47.03 7.91 -34.42
CA ALA D 220 47.68 8.90 -35.30
C ALA D 220 47.29 10.34 -34.97
N GLU D 221 46.01 10.56 -34.67
CA GLU D 221 45.50 11.88 -34.31
C GLU D 221 45.97 12.35 -32.93
N PHE D 222 45.86 11.50 -31.91
CA PHE D 222 46.32 11.84 -30.56
C PHE D 222 47.84 12.05 -30.51
N LEU D 223 48.58 11.22 -31.23
CA LEU D 223 50.05 11.35 -31.34
C LEU D 223 50.51 12.71 -31.91
N ARG D 224 49.70 13.31 -32.79
CA ARG D 224 49.96 14.68 -33.28
C ARG D 224 49.67 15.74 -32.21
N MET D 225 48.54 15.59 -31.52
CA MET D 225 48.12 16.56 -30.49
C MET D 225 49.05 16.56 -29.27
N MET D 226 49.56 15.40 -28.89
CA MET D 226 50.52 15.28 -27.78
C MET D 226 51.95 15.64 -28.20
N GLY D 227 52.36 15.20 -29.39
CA GLY D 227 53.67 15.51 -29.95
C GLY D 227 54.78 14.65 -29.35
N PRO D 233 56.03 10.95 -20.68
CA PRO D 233 55.56 9.73 -21.33
C PRO D 233 54.31 9.93 -22.19
N ALA D 234 53.94 8.90 -22.95
CA ALA D 234 52.75 8.92 -23.81
C ALA D 234 51.46 8.80 -23.01
N LEU D 235 51.49 8.00 -21.93
CA LEU D 235 50.34 7.82 -21.05
C LEU D 235 50.03 9.10 -20.26
N SER D 236 51.06 9.64 -19.60
CA SER D 236 50.92 10.85 -18.75
C SER D 236 50.54 12.11 -19.53
N ARG D 237 51.06 12.24 -20.75
CA ARG D 237 50.75 13.38 -21.63
C ARG D 237 49.31 13.33 -22.19
N LEU D 238 48.78 12.12 -22.37
CA LEU D 238 47.40 11.95 -22.84
C LEU D 238 46.36 12.43 -21.82
N LEU D 239 46.64 12.30 -20.52
CA LEU D 239 45.80 12.85 -19.45
C LEU D 239 45.72 14.38 -19.54
N GLU D 240 46.90 15.02 -19.53
CA GLU D 240 47.02 16.49 -19.62
C GLU D 240 46.30 17.05 -20.85
N LEU D 241 46.46 16.38 -21.97
CA LEU D 241 45.78 16.71 -23.23
C LEU D 241 44.25 16.61 -23.08
N LEU D 242 43.78 15.46 -22.59
CA LEU D 242 42.34 15.19 -22.44
C LEU D 242 41.66 16.02 -21.35
N GLU D 243 42.33 16.16 -20.19
CA GLU D 243 41.80 16.98 -19.08
C GLU D 243 41.74 18.48 -19.38
N GLU D 244 42.59 18.95 -20.30
CA GLU D 244 42.49 20.33 -20.84
C GLU D 244 41.22 20.56 -21.68
N GLY D 245 40.61 19.49 -22.18
CA GLY D 245 39.38 19.58 -22.99
C GLY D 245 39.56 19.21 -24.45
N GLN D 246 40.79 18.85 -24.86
CA GLN D 246 41.08 18.48 -26.24
C GLN D 246 40.53 17.10 -26.56
N ARG D 247 39.97 16.97 -27.77
CA ARG D 247 39.29 15.76 -28.23
C ARG D 247 39.77 15.37 -29.62
N LEU D 248 39.28 14.24 -30.11
CA LEU D 248 39.45 13.88 -31.52
C LEU D 248 38.59 14.83 -32.36
N PRO D 249 39.03 15.15 -33.60
CA PRO D 249 38.24 16.03 -34.45
C PRO D 249 36.96 15.36 -34.95
N ALA D 250 36.06 16.18 -35.51
CA ALA D 250 34.89 15.65 -36.21
C ALA D 250 35.37 15.01 -37.52
N PRO D 251 34.99 13.75 -37.79
CA PRO D 251 35.33 13.14 -39.08
C PRO D 251 34.77 13.94 -40.26
N PRO D 252 35.47 13.95 -41.42
CA PRO D 252 34.95 14.68 -42.59
C PRO D 252 33.58 14.15 -43.05
N ALA D 253 32.63 15.06 -43.27
CA ALA D 253 31.26 14.70 -43.66
C ALA D 253 30.47 13.94 -42.58
N CYS D 254 30.87 14.08 -41.32
CA CYS D 254 30.15 13.46 -40.19
C CYS D 254 28.90 14.29 -39.94
N PRO D 255 27.73 13.64 -39.76
CA PRO D 255 26.54 14.40 -39.37
C PRO D 255 26.77 15.10 -38.04
N ALA D 256 26.39 16.38 -37.96
CA ALA D 256 26.54 17.18 -36.73
C ALA D 256 25.91 16.47 -35.53
N GLU D 257 24.74 15.86 -35.74
CA GLU D 257 24.03 15.08 -34.70
C GLU D 257 24.88 13.93 -34.17
N VAL D 258 25.59 13.23 -35.05
CA VAL D 258 26.48 12.14 -34.65
C VAL D 258 27.70 12.64 -33.87
N HIS D 259 28.31 13.72 -34.34
CA HIS D 259 29.47 14.33 -33.66
C HIS D 259 29.12 14.87 -32.29
N GLU D 260 27.91 15.39 -32.13
CA GLU D 260 27.43 15.83 -30.82
C GLU D 260 27.28 14.68 -29.81
N LEU D 261 26.85 13.51 -30.30
CA LEU D 261 26.79 12.30 -29.46
C LEU D 261 28.18 11.80 -29.06
N MET D 262 29.18 11.97 -29.93
CA MET D 262 30.58 11.65 -29.59
C MET D 262 31.09 12.51 -28.45
N LYS D 263 30.84 13.82 -28.53
CA LYS D 263 31.27 14.78 -27.50
C LYS D 263 30.56 14.57 -26.17
N LEU D 264 29.29 14.15 -26.21
CA LEU D 264 28.57 13.76 -25.00
C LEU D 264 29.21 12.52 -24.37
N CYS D 265 29.56 11.54 -25.21
CA CYS D 265 30.31 10.35 -24.77
C CYS D 265 31.69 10.69 -24.18
N TRP D 266 32.29 11.79 -24.63
CA TRP D 266 33.60 12.24 -24.13
C TRP D 266 33.56 13.31 -23.05
N ALA D 267 32.48 13.38 -22.28
CA ALA D 267 32.40 14.33 -21.16
C ALA D 267 33.41 13.94 -20.08
N PRO D 268 34.14 14.93 -19.50
CA PRO D 268 35.20 14.61 -18.54
C PRO D 268 34.71 13.85 -17.30
N SER D 269 33.59 14.29 -16.72
CA SER D 269 32.98 13.61 -15.58
C SER D 269 32.25 12.35 -16.07
N PRO D 270 32.51 11.17 -15.47
CA PRO D 270 31.77 9.94 -15.79
C PRO D 270 30.25 10.02 -15.71
N GLN D 271 29.73 10.72 -14.70
CA GLN D 271 28.29 10.87 -14.48
C GLN D 271 27.56 11.66 -15.59
N ASP D 272 28.24 12.64 -16.19
CA ASP D 272 27.65 13.47 -17.24
C ASP D 272 27.49 12.77 -18.60
N ARG D 273 28.13 11.61 -18.78
CA ARG D 273 28.01 10.85 -20.04
C ARG D 273 26.62 10.19 -20.14
N PRO D 274 26.07 10.10 -21.37
CA PRO D 274 24.77 9.46 -21.53
C PRO D 274 24.87 7.94 -21.46
N SER D 275 23.79 7.29 -21.05
CA SER D 275 23.71 5.84 -21.05
C SER D 275 23.48 5.32 -22.46
N PHE D 276 23.76 4.03 -22.69
CA PHE D 276 23.44 3.38 -23.96
C PHE D 276 21.94 3.36 -24.22
N SER D 277 21.14 3.33 -23.16
CA SER D 277 19.68 3.46 -23.23
C SER D 277 19.23 4.82 -23.77
N ALA D 278 19.97 5.87 -23.43
CA ALA D 278 19.73 7.22 -23.97
C ALA D 278 20.33 7.42 -25.37
N LEU D 279 21.48 6.79 -25.65
CA LEU D 279 22.13 6.90 -26.96
C LEU D 279 21.38 6.17 -28.08
N GLY D 280 20.79 5.02 -27.75
CA GLY D 280 20.10 4.17 -28.73
C GLY D 280 19.01 4.84 -29.54
N PRO D 281 18.03 5.48 -28.86
CA PRO D 281 16.97 6.24 -29.54
C PRO D 281 17.48 7.43 -30.36
N GLN D 282 18.48 8.14 -29.83
CA GLN D 282 19.07 9.29 -30.52
C GLN D 282 19.77 8.90 -31.82
N LEU D 283 20.36 7.71 -31.86
CA LEU D 283 20.95 7.15 -33.10
C LEU D 283 19.86 6.72 -34.08
N ASP D 284 18.88 5.97 -33.57
CA ASP D 284 17.80 5.41 -34.39
C ASP D 284 16.85 6.45 -35.00
N MET D 285 16.72 7.62 -34.38
CA MET D 285 15.81 8.68 -34.86
C MET D 285 16.42 9.63 -35.91
N LEU D 286 17.69 9.44 -36.26
CA LEU D 286 18.30 10.10 -37.42
C LEU D 286 17.81 9.48 -38.74
N TRP D 287 17.45 8.19 -38.70
CA TRP D 287 16.75 7.50 -39.80
C TRP D 287 15.47 6.89 -39.31
#